data_4ATD
#
_entry.id   4ATD
#
_cell.length_a   102.237
_cell.length_b   127.253
_cell.length_c   216.111
_cell.angle_alpha   90.00
_cell.angle_beta   90.00
_cell.angle_gamma   90.00
#
_symmetry.space_group_name_H-M   'I 2 2 2'
#
loop_
_entity.id
_entity.type
_entity.pdbx_description
1 polymer RAUCAFFRICINE-O-BETA-D-GLUCOSIDASE
2 non-polymer 'SULFATE ION'
3 water water
#
_entity_poly.entity_id   1
_entity_poly.type   'polypeptide(L)'
_entity_poly.pdbx_seq_one_letter_code
;MATQSSAVIDSNDATRISRSDFPADFIMGTGSSAYQIEGGARDGGRGPSIWDTFTHRRPDMIRGGTNGDVAVDSYHLYKE
DVNILKNLGLDAYRFSISWSRVLPGGRLSGGVNKEGINYYNNLIDGLLANGIKPFVTLFHWDVPQALEDEYGGFLSPRIV
DDFCEYAELCFWEFGDRVKHWMTLNEPWTFSVHGYATGLYAPGRGRTSPEHVNHPTVQHRCSTVAPQCICSTGNPGTEPY
WVTHHLLLAHAAAVELYKNKFQRGQEGQIGISHATQWMEPWDENSASDVEAAARALDFMLGWFMEPITSGDYPKSMKKFV
GSRLPKFSPEQSKMLKGSYDFVGLNYYTASYVTNASTNSSGSNNFSYNTDIHVTYETDRNGVPIGPQSGSDWLLIYPEGI
RKILVYTKKTYNVPLIYVTENGVDDVKNTNLTLSEARKDSMRLKYLQDHIFNVRQAMNDGVNVKGYFAWSLLDNFEWGEG
YGVRFGIIHIDYNDNFARYPKDSAVWLMNSFHK
;
_entity_poly.pdbx_strand_id   A,B
#
loop_
_chem_comp.id
_chem_comp.type
_chem_comp.name
_chem_comp.formula
SO4 non-polymer 'SULFATE ION' 'O4 S -2'
#
# COMPACT_ATOMS: atom_id res chain seq x y z
N ASP A 13 3.65 26.65 31.30
CA ASP A 13 2.61 26.20 30.30
C ASP A 13 3.21 25.93 28.90
N ALA A 14 3.50 24.67 28.66
CA ALA A 14 4.09 24.26 27.42
C ALA A 14 3.29 24.60 26.17
N THR A 15 1.95 24.76 26.27
CA THR A 15 1.13 25.04 25.04
C THR A 15 1.47 26.43 24.47
N ARG A 16 2.10 27.26 25.29
CA ARG A 16 2.51 28.58 24.86
C ARG A 16 3.94 28.66 24.26
N ILE A 17 4.73 27.59 24.35
CA ILE A 17 6.14 27.65 23.91
C ILE A 17 6.29 28.11 22.41
N SER A 18 7.25 28.99 22.15
CA SER A 18 7.44 29.55 20.81
C SER A 18 8.85 30.00 20.57
N ARG A 19 9.11 30.34 19.34
CA ARG A 19 10.35 30.96 18.94
C ARG A 19 10.79 32.07 19.91
N SER A 20 9.86 32.77 20.56
CA SER A 20 10.36 33.96 21.27
C SER A 20 10.89 33.56 22.67
N ASP A 21 10.80 32.26 22.99
CA ASP A 21 11.41 31.69 24.22
C ASP A 21 12.85 31.24 24.00
N PHE A 22 13.34 31.34 22.76
CA PHE A 22 14.66 30.85 22.38
C PHE A 22 15.57 31.95 21.85
N PRO A 23 16.90 31.76 21.90
CA PRO A 23 17.84 32.74 21.28
C PRO A 23 17.53 32.97 19.79
N ALA A 24 17.83 34.18 19.35
CA ALA A 24 17.62 34.60 17.95
C ALA A 24 18.15 33.59 16.92
N ASP A 25 19.31 32.98 17.16
CA ASP A 25 19.99 32.16 16.16
C ASP A 25 19.64 30.66 16.30
N PHE A 26 18.68 30.35 17.20
CA PHE A 26 18.32 28.98 17.53
C PHE A 26 17.69 28.34 16.30
N ILE A 27 18.09 27.13 15.96
CA ILE A 27 17.62 26.49 14.67
C ILE A 27 16.48 25.52 14.94
N MET A 28 15.37 25.64 14.19
CA MET A 28 14.27 24.65 14.22
C MET A 28 14.22 23.90 12.89
N GLY A 29 13.98 22.60 12.90
CA GLY A 29 13.83 21.93 11.61
C GLY A 29 13.06 20.63 11.77
N THR A 30 13.18 19.79 10.74
CA THR A 30 12.50 18.54 10.64
C THR A 30 13.46 17.61 9.90
N GLY A 31 13.16 16.32 9.86
CA GLY A 31 14.15 15.34 9.41
C GLY A 31 13.58 14.25 8.53
N SER A 32 14.48 13.53 7.87
CA SER A 32 14.16 12.34 7.07
C SER A 32 15.45 11.54 6.95
N SER A 33 15.36 10.39 6.33
CA SER A 33 16.56 9.65 5.95
C SER A 33 16.26 9.06 4.56
N ALA A 34 17.31 8.80 3.81
CA ALA A 34 17.18 8.49 2.41
C ALA A 34 16.36 7.23 2.18
N TYR A 35 16.62 6.13 2.91
CA TYR A 35 15.91 4.91 2.59
C TYR A 35 14.42 5.07 2.96
N GLN A 36 14.16 5.87 4.01
CA GLN A 36 12.80 5.98 4.52
C GLN A 36 11.88 6.80 3.62
N ILE A 37 12.40 7.78 2.87
CA ILE A 37 11.53 8.66 2.01
C ILE A 37 11.77 8.59 0.51
N GLU A 38 13.00 8.32 0.05
CA GLU A 38 13.33 8.57 -1.34
C GLU A 38 12.56 7.70 -2.35
N GLY A 39 12.46 6.38 -2.11
CA GLY A 39 12.11 5.51 -3.24
C GLY A 39 13.15 5.68 -4.34
N GLY A 40 12.75 5.57 -5.59
CA GLY A 40 13.69 5.49 -6.72
C GLY A 40 14.83 4.49 -6.42
N ALA A 41 14.52 3.34 -5.81
CA ALA A 41 15.58 2.48 -5.25
C ALA A 41 16.50 1.96 -6.34
N ARG A 42 15.92 1.76 -7.53
CA ARG A 42 16.67 1.32 -8.69
CA ARG A 42 16.67 1.32 -8.71
C ARG A 42 16.55 2.37 -9.80
N ASP A 43 16.31 3.64 -9.43
CA ASP A 43 16.16 4.67 -10.47
C ASP A 43 17.42 5.52 -10.42
N GLY A 44 17.73 6.16 -11.57
CA GLY A 44 18.83 7.18 -11.61
C GLY A 44 20.17 6.56 -11.26
N GLY A 45 20.37 5.27 -11.58
CA GLY A 45 21.61 4.56 -11.25
C GLY A 45 21.93 4.16 -9.82
N ARG A 46 21.00 4.32 -8.87
CA ARG A 46 21.24 3.86 -7.47
C ARG A 46 21.49 2.35 -7.41
N GLY A 47 22.51 1.95 -6.67
CA GLY A 47 22.73 0.56 -6.32
C GLY A 47 22.08 0.17 -5.00
N PRO A 48 21.95 -1.16 -4.77
CA PRO A 48 21.23 -1.64 -3.60
C PRO A 48 21.99 -1.45 -2.30
N SER A 49 21.21 -1.15 -1.25
CA SER A 49 21.74 -1.16 0.12
C SER A 49 21.33 -2.48 0.80
N ILE A 50 21.88 -2.72 1.98
CA ILE A 50 21.47 -3.89 2.80
C ILE A 50 19.97 -3.84 3.17
N TRP A 51 19.40 -2.62 3.22
CA TRP A 51 17.96 -2.54 3.50
C TRP A 51 17.09 -2.95 2.30
N ASP A 52 17.55 -2.68 1.07
CA ASP A 52 16.93 -3.24 -0.13
C ASP A 52 16.88 -4.76 0.00
N THR A 53 18.04 -5.36 0.26
CA THR A 53 18.20 -6.80 0.26
C THR A 53 17.38 -7.48 1.38
N PHE A 54 17.45 -6.89 2.58
CA PHE A 54 16.77 -7.40 3.78
C PHE A 54 15.23 -7.39 3.53
N THR A 55 14.70 -6.25 3.08
CA THR A 55 13.25 -6.16 2.79
C THR A 55 12.78 -7.06 1.61
N HIS A 56 13.59 -7.27 0.58
CA HIS A 56 13.19 -8.19 -0.52
C HIS A 56 13.44 -9.65 -0.27
N ARG A 57 14.54 -9.98 0.42
CA ARG A 57 14.81 -11.39 0.68
C ARG A 57 14.06 -11.91 1.92
N ARG A 58 13.81 -11.02 2.88
CA ARG A 58 13.16 -11.46 4.13
C ARG A 58 11.95 -10.53 4.45
N PRO A 59 10.91 -10.53 3.59
CA PRO A 59 9.82 -9.60 3.83
C PRO A 59 9.01 -9.99 5.10
N ASP A 60 9.22 -11.20 5.65
CA ASP A 60 8.62 -11.54 6.94
C ASP A 60 9.13 -10.71 8.08
N MET A 61 10.30 -10.05 7.91
CA MET A 61 10.88 -9.18 8.94
C MET A 61 10.27 -7.80 9.01
N ILE A 62 9.35 -7.53 8.09
CA ILE A 62 8.75 -6.20 7.93
C ILE A 62 7.25 -6.34 8.05
N ARG A 63 6.65 -5.53 8.93
CA ARG A 63 5.20 -5.52 9.13
C ARG A 63 4.51 -5.17 7.79
N GLY A 64 3.73 -6.07 7.25
CA GLY A 64 3.09 -5.83 6.00
C GLY A 64 3.94 -6.31 4.82
N GLY A 65 5.21 -6.69 5.07
CA GLY A 65 6.08 -7.26 4.01
C GLY A 65 6.51 -6.21 2.98
N THR A 66 6.48 -4.93 3.36
CA THR A 66 6.71 -3.85 2.42
C THR A 66 8.19 -3.52 2.39
N ASN A 67 8.55 -2.48 1.62
CA ASN A 67 9.94 -2.12 1.43
C ASN A 67 10.08 -0.69 0.94
N GLY A 68 11.31 -0.24 0.74
CA GLY A 68 11.55 1.13 0.35
C GLY A 68 11.81 1.35 -1.14
N ASP A 69 11.32 0.43 -2.01
CA ASP A 69 11.51 0.64 -3.43
C ASP A 69 10.96 2.00 -3.89
N VAL A 70 9.76 2.37 -3.41
CA VAL A 70 9.09 3.63 -3.75
C VAL A 70 9.00 4.55 -2.48
N ALA A 71 8.77 3.95 -1.31
CA ALA A 71 8.69 4.72 -0.03
C ALA A 71 7.66 5.86 -0.22
N VAL A 72 8.01 7.13 0.00
CA VAL A 72 7.04 8.18 -0.27
C VAL A 72 7.50 9.01 -1.49
N ASP A 73 8.44 8.44 -2.24
CA ASP A 73 8.83 8.94 -3.55
C ASP A 73 9.44 10.34 -3.52
N SER A 74 10.13 10.70 -2.43
CA SER A 74 10.85 11.99 -2.45
C SER A 74 11.98 12.07 -3.50
N TYR A 75 12.48 10.92 -3.98
CA TYR A 75 13.33 10.97 -5.15
C TYR A 75 12.69 11.78 -6.32
N HIS A 76 11.45 11.47 -6.72
CA HIS A 76 10.79 12.27 -7.79
C HIS A 76 10.01 13.46 -7.28
N LEU A 77 9.53 13.43 -6.02
CA LEU A 77 8.73 14.50 -5.46
C LEU A 77 9.50 15.54 -4.66
N TYR A 78 10.82 15.61 -4.83
CA TYR A 78 11.61 16.50 -3.93
C TYR A 78 11.18 17.96 -4.02
N LYS A 79 10.75 18.41 -5.19
CA LYS A 79 10.30 19.78 -5.30
C LYS A 79 9.11 20.09 -4.40
N GLU A 80 8.21 19.11 -4.27
CA GLU A 80 7.04 19.24 -3.39
CA GLU A 80 7.04 19.26 -3.40
C GLU A 80 7.51 19.24 -1.93
N ASP A 81 8.48 18.38 -1.59
CA ASP A 81 8.98 18.42 -0.20
C ASP A 81 9.61 19.79 0.10
N VAL A 82 10.39 20.32 -0.84
CA VAL A 82 10.93 21.66 -0.67
C VAL A 82 9.84 22.75 -0.50
N ASN A 83 8.77 22.66 -1.32
CA ASN A 83 7.66 23.58 -1.21
C ASN A 83 6.96 23.50 0.17
N ILE A 84 6.70 22.27 0.59
CA ILE A 84 6.19 22.05 1.97
C ILE A 84 7.10 22.65 3.01
N LEU A 85 8.42 22.45 2.89
CA LEU A 85 9.36 22.99 3.88
C LEU A 85 9.29 24.49 3.90
N LYS A 86 9.15 25.08 2.73
CA LYS A 86 9.04 26.54 2.61
C LYS A 86 7.76 27.03 3.35
N ASN A 87 6.60 26.44 3.04
CA ASN A 87 5.36 26.82 3.70
C ASN A 87 5.45 26.56 5.23
N LEU A 88 6.10 25.49 5.63
CA LEU A 88 6.31 25.22 7.07
C LEU A 88 7.13 26.34 7.74
N GLY A 89 8.12 26.85 7.04
CA GLY A 89 8.77 28.15 7.50
C GLY A 89 9.84 27.92 8.57
N LEU A 90 10.27 26.69 8.81
CA LEU A 90 11.36 26.44 9.83
C LEU A 90 12.74 26.63 9.15
N ASP A 91 13.81 26.86 9.93
CA ASP A 91 15.16 27.20 9.38
C ASP A 91 15.90 26.11 8.65
N ALA A 92 15.62 24.85 8.93
CA ALA A 92 16.55 23.80 8.50
C ALA A 92 15.89 22.48 8.23
N TYR A 93 16.58 21.65 7.46
CA TYR A 93 16.06 20.33 7.10
C TYR A 93 17.19 19.31 7.18
N ARG A 94 17.00 18.25 7.95
CA ARG A 94 18.01 17.21 8.18
C ARG A 94 17.65 16.05 7.22
N PHE A 95 18.56 15.63 6.35
CA PHE A 95 18.27 14.51 5.47
C PHE A 95 19.58 13.71 5.38
N SER A 96 19.56 12.54 4.76
CA SER A 96 20.78 11.78 4.60
C SER A 96 21.03 11.52 3.10
N ILE A 97 22.28 11.23 2.80
CA ILE A 97 22.67 10.82 1.49
C ILE A 97 22.71 9.27 1.47
N SER A 98 22.10 8.70 0.43
CA SER A 98 22.20 7.29 0.26
C SER A 98 23.56 6.98 -0.38
N TRP A 99 24.44 6.36 0.39
CA TRP A 99 25.76 6.03 -0.04
C TRP A 99 25.72 5.31 -1.40
N SER A 100 24.86 4.28 -1.53
CA SER A 100 24.82 3.51 -2.80
C SER A 100 24.03 4.24 -3.90
N ARG A 101 23.48 5.42 -3.58
CA ARG A 101 22.98 6.27 -4.69
C ARG A 101 24.13 7.01 -5.39
N VAL A 102 25.04 7.62 -4.61
CA VAL A 102 26.19 8.30 -5.27
C VAL A 102 27.30 7.30 -5.69
N LEU A 103 27.44 6.17 -4.97
CA LEU A 103 28.45 5.13 -5.31
C LEU A 103 27.77 3.78 -5.31
N PRO A 104 27.25 3.32 -6.45
CA PRO A 104 26.39 2.14 -6.42
C PRO A 104 27.08 0.86 -5.91
N GLY A 105 28.40 0.79 -6.07
CA GLY A 105 29.19 -0.36 -5.60
C GLY A 105 29.92 0.01 -4.32
N GLY A 106 29.57 1.17 -3.75
CA GLY A 106 30.10 1.61 -2.44
C GLY A 106 31.54 2.15 -2.47
N ARG A 107 32.43 1.42 -3.11
CA ARG A 107 33.80 1.97 -3.30
C ARG A 107 33.95 2.71 -4.66
N LEU A 108 34.96 3.58 -4.78
CA LEU A 108 35.15 4.28 -6.04
C LEU A 108 35.24 3.34 -7.26
N SER A 109 35.78 2.14 -7.07
CA SER A 109 35.87 1.18 -8.19
C SER A 109 34.52 0.65 -8.73
N GLY A 110 33.44 0.93 -8.03
CA GLY A 110 32.10 0.58 -8.51
C GLY A 110 31.48 1.69 -9.36
N GLY A 111 32.22 2.79 -9.58
CA GLY A 111 31.72 3.89 -10.40
C GLY A 111 31.08 5.01 -9.55
N VAL A 112 31.19 6.23 -10.08
CA VAL A 112 30.62 7.40 -9.48
C VAL A 112 29.35 7.73 -10.25
N ASN A 113 28.22 7.79 -9.54
CA ASN A 113 26.95 8.03 -10.19
C ASN A 113 26.63 9.56 -10.29
N LYS A 114 26.84 10.15 -11.46
CA LYS A 114 26.60 11.60 -11.67
C LYS A 114 25.12 11.99 -11.46
N GLU A 115 24.20 11.14 -11.85
CA GLU A 115 22.83 11.42 -11.69
C GLU A 115 22.39 11.36 -10.20
N GLY A 116 23.04 10.50 -9.41
CA GLY A 116 22.81 10.52 -8.00
C GLY A 116 23.33 11.79 -7.38
N ILE A 117 24.51 12.22 -7.76
CA ILE A 117 25.08 13.47 -7.27
C ILE A 117 24.16 14.68 -7.68
N ASN A 118 23.62 14.60 -8.89
CA ASN A 118 22.74 15.62 -9.37
CA ASN A 118 22.67 15.61 -9.42
C ASN A 118 21.46 15.76 -8.55
N TYR A 119 20.85 14.63 -8.21
CA TYR A 119 19.72 14.66 -7.29
C TYR A 119 20.01 15.48 -6.00
N TYR A 120 21.12 15.15 -5.31
CA TYR A 120 21.42 15.84 -4.04
C TYR A 120 21.76 17.31 -4.27
N ASN A 121 22.46 17.61 -5.36
CA ASN A 121 22.66 18.99 -5.71
C ASN A 121 21.34 19.76 -5.93
N ASN A 122 20.38 19.12 -6.60
CA ASN A 122 19.06 19.80 -6.88
C ASN A 122 18.31 20.02 -5.55
N LEU A 123 18.39 19.04 -4.68
CA LEU A 123 17.69 19.14 -3.42
C LEU A 123 18.33 20.30 -2.59
N ILE A 124 19.67 20.26 -2.47
CA ILE A 124 20.42 21.27 -1.72
C ILE A 124 20.14 22.68 -2.30
N ASP A 125 20.25 22.80 -3.62
CA ASP A 125 19.89 24.07 -4.29
C ASP A 125 18.43 24.57 -4.01
N GLY A 126 17.44 23.68 -4.13
CA GLY A 126 16.04 23.99 -3.81
C GLY A 126 15.91 24.47 -2.36
N LEU A 127 16.59 23.80 -1.43
CA LEU A 127 16.55 24.21 -0.03
C LEU A 127 17.10 25.60 0.15
N LEU A 128 18.32 25.86 -0.35
CA LEU A 128 18.92 27.16 -0.21
C LEU A 128 18.10 28.27 -0.85
N ALA A 129 17.50 27.97 -2.01
CA ALA A 129 16.79 28.97 -2.79
C ALA A 129 15.62 29.42 -1.95
N ASN A 130 15.19 28.55 -1.03
CA ASN A 130 14.07 28.85 -0.12
C ASN A 130 14.46 29.22 1.29
N GLY A 131 15.71 29.61 1.52
CA GLY A 131 16.20 30.04 2.85
C GLY A 131 16.27 28.89 3.89
N ILE A 132 16.40 27.62 3.44
CA ILE A 132 16.40 26.46 4.36
C ILE A 132 17.83 25.86 4.43
N LYS A 133 18.39 25.69 5.61
CA LYS A 133 19.73 25.17 5.77
C LYS A 133 19.72 23.66 5.73
N PRO A 134 20.57 23.07 4.91
CA PRO A 134 20.66 21.58 4.93
C PRO A 134 21.61 21.04 6.00
N PHE A 135 21.12 20.09 6.80
CA PHE A 135 21.90 19.34 7.78
C PHE A 135 21.94 17.93 7.21
N VAL A 136 23.11 17.43 6.85
CA VAL A 136 23.21 16.23 6.00
C VAL A 136 24.01 15.09 6.70
N THR A 137 23.37 13.94 6.78
CA THR A 137 23.97 12.78 7.40
C THR A 137 24.45 11.89 6.30
N LEU A 138 25.68 11.40 6.48
CA LEU A 138 26.32 10.57 5.45
C LEU A 138 25.79 9.15 5.55
N PHE A 139 25.66 8.66 6.79
CA PHE A 139 25.31 7.28 6.96
C PHE A 139 24.12 7.11 7.88
N HIS A 140 23.00 6.71 7.24
CA HIS A 140 21.81 6.39 8.02
C HIS A 140 21.35 4.96 7.62
N TRP A 141 22.28 4.02 7.80
CA TRP A 141 22.05 2.56 7.91
C TRP A 141 21.99 1.81 6.58
N ASP A 142 21.94 2.60 5.51
CA ASP A 142 21.82 2.02 4.15
C ASP A 142 23.21 1.66 3.56
N VAL A 143 23.88 0.69 4.18
CA VAL A 143 25.19 0.21 3.73
C VAL A 143 25.05 -0.33 2.30
N PRO A 144 25.92 0.11 1.38
CA PRO A 144 25.91 -0.54 0.03
C PRO A 144 26.00 -2.06 0.10
N GLN A 145 25.08 -2.77 -0.55
CA GLN A 145 25.15 -4.19 -0.56
C GLN A 145 26.49 -4.66 -1.11
N ALA A 146 27.11 -3.90 -2.04
CA ALA A 146 28.35 -4.42 -2.60
C ALA A 146 29.42 -4.58 -1.50
N LEU A 147 29.47 -3.64 -0.54
CA LEU A 147 30.45 -3.69 0.54
C LEU A 147 30.07 -4.80 1.52
N GLU A 148 28.78 -4.96 1.75
CA GLU A 148 28.31 -6.05 2.65
C GLU A 148 28.75 -7.43 2.12
N ASP A 149 28.49 -7.65 0.83
CA ASP A 149 28.84 -8.89 0.16
C ASP A 149 30.38 -9.08 0.00
N GLU A 150 31.13 -8.02 -0.28
CA GLU A 150 32.53 -8.21 -0.53
C GLU A 150 33.28 -8.59 0.74
N TYR A 151 33.00 -7.89 1.81
CA TYR A 151 33.74 -8.15 3.05
C TYR A 151 32.95 -8.03 4.35
N GLY A 152 31.61 -7.97 4.28
CA GLY A 152 30.78 -7.89 5.48
C GLY A 152 30.56 -6.49 6.06
N GLY A 153 30.70 -5.46 5.23
CA GLY A 153 30.35 -4.11 5.65
C GLY A 153 31.03 -3.75 6.95
N PHE A 154 30.25 -3.32 7.94
CA PHE A 154 30.83 -2.78 9.16
C PHE A 154 31.45 -3.84 10.09
N LEU A 155 31.35 -5.10 9.68
CA LEU A 155 32.08 -6.16 10.38
C LEU A 155 33.56 -6.09 10.08
N SER A 156 33.97 -5.44 8.99
CA SER A 156 35.36 -5.43 8.54
C SER A 156 36.01 -4.04 8.71
N PRO A 157 37.28 -4.00 9.14
CA PRO A 157 37.94 -2.69 9.22
C PRO A 157 38.07 -2.05 7.81
N ARG A 158 37.90 -2.81 6.72
CA ARG A 158 37.90 -2.19 5.38
C ARG A 158 36.82 -1.13 5.22
N ILE A 159 35.73 -1.23 5.99
CA ILE A 159 34.68 -0.24 5.88
C ILE A 159 35.22 1.18 6.16
N VAL A 160 36.31 1.32 6.92
CA VAL A 160 36.73 2.66 7.37
C VAL A 160 37.23 3.54 6.22
N ASP A 161 38.13 3.02 5.39
CA ASP A 161 38.66 3.73 4.21
C ASP A 161 37.59 3.91 3.15
N ASP A 162 36.75 2.90 2.94
CA ASP A 162 35.65 3.06 1.98
C ASP A 162 34.71 4.18 2.45
N PHE A 163 34.31 4.16 3.71
CA PHE A 163 33.51 5.25 4.23
C PHE A 163 34.19 6.61 4.03
N CYS A 164 35.49 6.69 4.32
CA CYS A 164 36.22 7.97 4.17
C CYS A 164 36.22 8.50 2.71
N GLU A 165 36.40 7.61 1.72
CA GLU A 165 36.33 8.03 0.34
C GLU A 165 34.95 8.49 -0.09
N TYR A 166 33.92 7.83 0.44
CA TYR A 166 32.54 8.31 0.28
C TYR A 166 32.31 9.65 0.93
N ALA A 167 32.77 9.82 2.18
CA ALA A 167 32.66 11.12 2.85
C ALA A 167 33.32 12.24 2.02
N GLU A 168 34.51 11.96 1.51
CA GLU A 168 35.34 12.94 0.77
C GLU A 168 34.62 13.38 -0.50
N LEU A 169 34.04 12.39 -1.19
CA LEU A 169 33.19 12.67 -2.37
C LEU A 169 32.08 13.66 -2.01
N CYS A 170 31.35 13.39 -0.93
CA CYS A 170 30.25 14.24 -0.53
C CYS A 170 30.73 15.66 -0.16
N PHE A 171 31.86 15.75 0.55
CA PHE A 171 32.38 17.08 0.93
C PHE A 171 32.78 17.86 -0.34
N TRP A 172 33.46 17.15 -1.24
CA TRP A 172 33.89 17.71 -2.51
C TRP A 172 32.70 18.24 -3.34
N GLU A 173 31.66 17.40 -3.53
CA GLU A 173 30.53 17.74 -4.38
C GLU A 173 29.60 18.80 -3.73
N PHE A 174 29.41 18.72 -2.40
CA PHE A 174 28.34 19.45 -1.76
C PHE A 174 28.79 20.44 -0.68
N GLY A 175 30.02 20.33 -0.23
CA GLY A 175 30.49 21.10 0.96
C GLY A 175 30.56 22.59 0.70
N ASP A 176 30.55 23.02 -0.58
CA ASP A 176 30.47 24.48 -0.87
C ASP A 176 29.15 25.05 -0.36
N ARG A 177 28.11 24.22 -0.32
CA ARG A 177 26.79 24.67 0.13
CA ARG A 177 26.78 24.67 0.11
C ARG A 177 26.36 24.06 1.47
N VAL A 178 26.67 22.78 1.70
CA VAL A 178 26.32 22.13 3.01
C VAL A 178 27.37 22.47 4.08
N LYS A 179 26.94 23.13 5.16
CA LYS A 179 27.90 23.55 6.25
C LYS A 179 27.66 22.81 7.57
N HIS A 180 26.74 21.85 7.57
CA HIS A 180 26.48 21.10 8.78
C HIS A 180 26.40 19.63 8.37
N TRP A 181 27.41 18.85 8.76
CA TRP A 181 27.49 17.39 8.37
C TRP A 181 27.40 16.49 9.57
N MET A 182 26.81 15.32 9.39
CA MET A 182 26.89 14.31 10.43
C MET A 182 27.41 13.06 9.78
N THR A 183 28.41 12.42 10.40
CA THR A 183 28.96 11.14 9.88
C THR A 183 27.88 10.06 9.91
N LEU A 184 27.41 9.74 11.11
CA LEU A 184 26.49 8.61 11.32
C LEU A 184 25.25 9.11 12.04
N ASN A 185 24.16 8.42 11.78
CA ASN A 185 23.00 8.55 12.63
C ASN A 185 22.72 7.22 13.38
N GLU A 186 22.43 7.37 14.69
CA GLU A 186 22.15 6.21 15.58
C GLU A 186 22.95 4.94 15.25
N PRO A 187 24.30 5.00 15.38
CA PRO A 187 25.10 3.75 15.23
C PRO A 187 24.70 2.68 16.28
N TRP A 188 24.27 3.15 17.47
CA TRP A 188 23.73 2.24 18.49
C TRP A 188 22.65 1.35 17.87
N THR A 189 21.65 1.99 17.27
CA THR A 189 20.50 1.23 16.72
C THR A 189 20.97 0.33 15.61
N PHE A 190 21.87 0.86 14.76
CA PHE A 190 22.38 0.05 13.62
C PHE A 190 23.10 -1.19 14.15
N SER A 191 23.95 -0.97 15.14
CA SER A 191 24.75 -2.07 15.68
C SER A 191 23.88 -3.12 16.39
N VAL A 192 23.01 -2.67 17.28
CA VAL A 192 22.24 -3.58 18.16
C VAL A 192 21.11 -4.33 17.41
N HIS A 193 20.38 -3.63 16.55
CA HIS A 193 19.29 -4.31 15.82
C HIS A 193 19.76 -5.02 14.57
N GLY A 194 20.93 -4.63 14.09
CA GLY A 194 21.53 -5.36 12.99
C GLY A 194 22.25 -6.64 13.35
N TYR A 195 22.83 -6.65 14.56
CA TYR A 195 23.83 -7.67 14.98
C TYR A 195 23.59 -8.29 16.37
N ALA A 196 22.79 -7.65 17.22
CA ALA A 196 22.35 -8.30 18.45
C ALA A 196 20.94 -8.96 18.30
N THR A 197 19.91 -8.17 18.00
CA THR A 197 18.54 -8.71 17.91
C THR A 197 18.22 -9.33 16.52
N GLY A 198 19.02 -8.98 15.50
CA GLY A 198 18.78 -9.42 14.14
C GLY A 198 17.46 -8.89 13.54
N LEU A 199 16.89 -7.84 14.13
CA LEU A 199 15.58 -7.37 13.67
C LEU A 199 15.70 -6.42 12.49
N TYR A 200 16.88 -5.80 12.33
CA TYR A 200 17.11 -4.82 11.27
C TYR A 200 18.18 -5.39 10.34
N ALA A 201 18.28 -4.87 9.11
CA ALA A 201 19.35 -5.26 8.17
C ALA A 201 20.71 -5.03 8.87
N PRO A 202 21.66 -5.99 8.74
CA PRO A 202 21.57 -7.16 7.84
C PRO A 202 20.92 -8.40 8.45
N GLY A 203 20.31 -8.27 9.62
CA GLY A 203 19.50 -9.35 10.14
C GLY A 203 20.30 -10.49 10.77
N ARG A 204 21.32 -10.14 11.55
CA ARG A 204 22.19 -11.14 12.17
C ARG A 204 22.06 -11.17 13.70
N GLY A 205 22.37 -12.33 14.27
CA GLY A 205 22.45 -12.48 15.71
C GLY A 205 21.25 -13.06 16.48
N ARG A 206 20.07 -13.13 15.85
CA ARG A 206 18.84 -13.65 16.56
C ARG A 206 18.95 -15.09 17.04
N THR A 232 24.01 -17.33 10.58
CA THR A 232 25.20 -16.96 11.35
C THR A 232 25.10 -15.51 11.91
N GLY A 233 26.08 -15.16 12.73
CA GLY A 233 25.93 -14.03 13.61
C GLY A 233 26.32 -14.52 14.98
N ASN A 234 26.41 -13.58 15.91
CA ASN A 234 26.81 -13.86 17.26
C ASN A 234 26.58 -12.56 18.00
N PRO A 235 25.46 -12.46 18.76
CA PRO A 235 25.12 -11.21 19.43
C PRO A 235 26.07 -10.83 20.58
N GLY A 236 26.99 -11.74 20.95
CA GLY A 236 27.99 -11.51 21.98
C GLY A 236 29.29 -10.87 21.48
N THR A 237 29.54 -10.95 20.16
CA THR A 237 30.81 -10.44 19.60
C THR A 237 30.59 -9.39 18.49
N GLU A 238 29.69 -9.66 17.55
CA GLU A 238 29.54 -8.82 16.35
C GLU A 238 29.06 -7.38 16.65
N PRO A 239 28.13 -7.18 17.61
CA PRO A 239 27.79 -5.77 17.93
C PRO A 239 28.97 -4.91 18.35
N TYR A 240 29.90 -5.50 19.08
CA TYR A 240 31.10 -4.79 19.51
C TYR A 240 32.07 -4.49 18.37
N TRP A 241 32.26 -5.44 17.45
CA TRP A 241 33.08 -5.16 16.27
C TRP A 241 32.47 -4.09 15.41
N VAL A 242 31.17 -4.23 15.16
CA VAL A 242 30.49 -3.28 14.31
C VAL A 242 30.54 -1.86 14.92
N THR A 243 30.25 -1.75 16.20
CA THR A 243 30.33 -0.43 16.83
C THR A 243 31.78 0.12 16.79
N HIS A 244 32.75 -0.76 17.00
CA HIS A 244 34.16 -0.37 16.93
C HIS A 244 34.51 0.19 15.53
N HIS A 245 34.03 -0.45 14.48
CA HIS A 245 34.25 0.03 13.12
C HIS A 245 33.45 1.31 12.78
N LEU A 246 32.22 1.42 13.28
CA LEU A 246 31.46 2.67 13.22
C LEU A 246 32.21 3.83 13.80
N LEU A 247 32.77 3.63 14.99
CA LEU A 247 33.51 4.67 15.64
C LEU A 247 34.76 5.07 14.83
N LEU A 248 35.49 4.05 14.33
CA LEU A 248 36.73 4.32 13.56
C LEU A 248 36.35 5.07 12.25
N ALA A 249 35.23 4.67 11.65
CA ALA A 249 34.76 5.32 10.41
C ALA A 249 34.43 6.78 10.69
N HIS A 250 33.67 7.00 11.78
CA HIS A 250 33.31 8.35 12.16
C HIS A 250 34.59 9.18 12.33
N ALA A 251 35.56 8.65 13.11
CA ALA A 251 36.74 9.44 13.53
C ALA A 251 37.61 9.78 12.32
N ALA A 252 37.73 8.76 11.46
CA ALA A 252 38.51 8.91 10.23
C ALA A 252 37.85 9.98 9.30
N ALA A 253 36.53 9.95 9.15
CA ALA A 253 35.80 10.93 8.28
C ALA A 253 35.86 12.35 8.88
N VAL A 254 35.83 12.46 10.22
CA VAL A 254 35.95 13.77 10.87
C VAL A 254 37.36 14.34 10.70
N GLU A 255 38.38 13.50 10.87
CA GLU A 255 39.76 13.93 10.60
C GLU A 255 39.96 14.36 9.10
N LEU A 256 39.38 13.59 8.18
CA LEU A 256 39.41 13.98 6.79
C LEU A 256 38.72 15.36 6.60
N TYR A 257 37.55 15.55 7.17
CA TYR A 257 36.89 16.84 7.00
C TYR A 257 37.75 17.98 7.59
N LYS A 258 38.20 17.78 8.82
CA LYS A 258 38.94 18.84 9.51
C LYS A 258 40.27 19.18 8.86
N ASN A 259 41.03 18.16 8.45
CA ASN A 259 42.32 18.41 7.78
C ASN A 259 42.19 18.81 6.30
N LYS A 260 41.16 18.31 5.58
CA LYS A 260 41.16 18.49 4.10
C LYS A 260 40.07 19.40 3.50
N PHE A 261 39.08 19.83 4.31
CA PHE A 261 37.91 20.56 3.81
C PHE A 261 37.49 21.74 4.65
N GLN A 262 37.71 21.68 5.97
CA GLN A 262 37.10 22.64 6.87
C GLN A 262 37.62 24.06 6.71
N ARG A 263 38.91 24.20 6.45
CA ARG A 263 39.49 25.51 6.22
C ARG A 263 38.89 26.19 4.97
N GLY A 264 38.77 25.47 3.86
CA GLY A 264 38.18 26.02 2.63
C GLY A 264 36.65 26.18 2.67
N GLN A 265 35.94 25.26 3.32
CA GLN A 265 34.46 25.22 3.23
C GLN A 265 33.80 25.82 4.49
N GLU A 266 34.54 25.82 5.61
CA GLU A 266 34.07 26.51 6.87
C GLU A 266 32.76 25.95 7.35
N GLY A 267 32.54 24.64 7.18
CA GLY A 267 31.41 23.98 7.82
C GLY A 267 31.80 23.34 9.15
N GLN A 268 30.86 22.54 9.66
CA GLN A 268 31.00 21.86 10.96
C GLN A 268 30.57 20.43 10.76
N ILE A 269 31.18 19.53 11.54
CA ILE A 269 30.85 18.12 11.44
C ILE A 269 30.63 17.50 12.79
N GLY A 270 29.60 16.68 12.88
CA GLY A 270 29.27 15.96 14.10
C GLY A 270 28.71 14.56 13.85
N ILE A 271 27.89 14.13 14.78
CA ILE A 271 27.33 12.79 14.71
C ILE A 271 26.03 12.81 15.54
N SER A 272 25.09 11.94 15.20
CA SER A 272 23.84 11.83 15.95
C SER A 272 23.74 10.50 16.66
N HIS A 273 23.41 10.55 17.96
CA HIS A 273 23.29 9.33 18.78
C HIS A 273 21.89 9.03 19.27
N ALA A 274 21.57 7.73 19.30
CA ALA A 274 20.31 7.22 19.91
C ALA A 274 20.38 7.42 21.44
N THR A 275 19.29 7.92 22.03
CA THR A 275 19.24 8.02 23.47
C THR A 275 17.87 7.59 23.90
N GLN A 276 17.78 7.24 25.18
CA GLN A 276 16.55 6.91 25.88
C GLN A 276 16.88 7.23 27.33
N TRP A 277 16.01 7.96 28.04
CA TRP A 277 16.33 8.31 29.43
C TRP A 277 16.20 7.06 30.30
N MET A 278 17.16 6.90 31.21
CA MET A 278 17.20 5.74 32.08
C MET A 278 17.05 6.24 33.52
N GLU A 279 15.92 5.93 34.15
CA GLU A 279 15.65 6.36 35.54
C GLU A 279 15.78 5.19 36.51
N PRO A 280 16.35 5.42 37.70
CA PRO A 280 16.37 4.30 38.66
C PRO A 280 14.94 3.87 39.06
N TRP A 281 14.64 2.57 39.00
CA TRP A 281 13.34 2.07 39.37
C TRP A 281 12.89 2.58 40.76
N ASP A 282 13.77 2.43 41.75
CA ASP A 282 13.59 2.94 43.08
C ASP A 282 14.67 4.03 43.24
N GLU A 283 14.25 5.29 43.22
CA GLU A 283 15.13 6.45 43.45
C GLU A 283 16.10 6.39 44.65
N ASN A 284 15.70 5.69 45.69
CA ASN A 284 16.53 5.53 46.88
C ASN A 284 17.47 4.32 46.88
N SER A 285 17.45 3.49 45.83
CA SER A 285 18.28 2.27 45.76
C SER A 285 19.60 2.57 45.05
N ALA A 286 20.71 2.61 45.81
CA ALA A 286 22.09 2.79 45.29
C ALA A 286 22.35 1.87 44.09
N SER A 287 21.90 0.62 44.21
CA SER A 287 21.90 -0.38 43.17
C SER A 287 21.12 -0.01 41.87
N ASP A 288 19.93 0.57 42.01
CA ASP A 288 19.14 0.98 40.85
C ASP A 288 19.80 2.20 40.18
N VAL A 289 20.37 3.09 41.00
CA VAL A 289 21.08 4.26 40.50
C VAL A 289 22.31 3.80 39.65
N GLU A 290 23.05 2.84 40.18
CA GLU A 290 24.15 2.29 39.44
C GLU A 290 23.68 1.60 38.13
N ALA A 291 22.60 0.80 38.23
CA ALA A 291 22.03 0.11 37.05
C ALA A 291 21.59 1.05 35.96
N ALA A 292 20.99 2.19 36.34
CA ALA A 292 20.55 3.17 35.32
C ALA A 292 21.73 3.89 34.64
N ALA A 293 22.75 4.26 35.45
CA ALA A 293 24.02 4.76 34.92
C ALA A 293 24.68 3.78 33.96
N ARG A 294 24.66 2.50 34.29
CA ARG A 294 25.21 1.45 33.43
C ARG A 294 24.42 1.28 32.13
N ALA A 295 23.11 1.40 32.19
CA ALA A 295 22.32 1.35 30.97
C ALA A 295 22.61 2.56 30.05
N LEU A 296 22.85 3.72 30.67
CA LEU A 296 23.32 4.91 29.91
C LEU A 296 24.73 4.66 29.30
N ASP A 297 25.66 4.04 30.07
CA ASP A 297 26.97 3.60 29.54
C ASP A 297 26.85 2.68 28.32
N PHE A 298 26.01 1.65 28.39
CA PHE A 298 25.88 0.68 27.31
C PHE A 298 25.17 1.22 26.08
N MET A 299 24.35 2.23 26.24
CA MET A 299 23.64 2.76 25.09
C MET A 299 24.34 4.00 24.52
N LEU A 300 24.51 5.02 25.37
CA LEU A 300 25.10 6.27 24.93
C LEU A 300 26.62 6.30 25.13
N GLY A 301 27.08 5.83 26.28
CA GLY A 301 28.50 5.91 26.64
C GLY A 301 29.39 5.13 25.67
N TRP A 302 28.82 4.05 25.13
CA TRP A 302 29.45 3.17 24.21
C TRP A 302 30.05 3.95 23.03
N PHE A 303 29.37 5.02 22.60
CA PHE A 303 29.80 5.90 21.53
C PHE A 303 30.37 7.21 22.09
N MET A 304 29.79 7.71 23.20
CA MET A 304 30.23 9.00 23.75
C MET A 304 31.60 8.99 24.47
N GLU A 305 31.88 7.97 25.28
CA GLU A 305 33.20 7.93 25.94
C GLU A 305 34.35 7.87 24.90
N PRO A 306 34.22 7.03 23.83
CA PRO A 306 35.33 7.07 22.86
C PRO A 306 35.65 8.47 22.24
N ILE A 307 34.62 9.30 21.99
CA ILE A 307 34.90 10.61 21.43
C ILE A 307 35.13 11.65 22.49
N THR A 308 35.20 11.22 23.75
CA THR A 308 35.53 12.06 24.85
C THR A 308 36.96 11.80 25.39
N SER A 309 37.29 10.55 25.76
CA SER A 309 38.58 10.24 26.35
C SER A 309 39.27 9.24 25.45
N GLY A 310 38.64 8.89 24.35
CA GLY A 310 39.23 7.93 23.41
C GLY A 310 39.25 6.51 23.95
N ASP A 311 38.41 6.18 24.93
CA ASP A 311 38.22 4.81 25.39
C ASP A 311 36.72 4.53 25.65
N TYR A 312 36.36 3.25 25.83
CA TYR A 312 35.00 2.84 26.19
C TYR A 312 34.72 3.10 27.67
N PRO A 313 33.44 3.08 28.06
CA PRO A 313 33.12 3.26 29.49
C PRO A 313 33.68 2.11 30.34
N LYS A 314 34.09 2.48 31.57
CA LYS A 314 34.63 1.49 32.51
C LYS A 314 33.70 0.29 32.67
N SER A 315 32.40 0.56 32.85
CA SER A 315 31.40 -0.50 33.07
C SER A 315 31.34 -1.48 31.88
N MET A 316 31.53 -0.97 30.67
CA MET A 316 31.60 -1.83 29.52
C MET A 316 32.88 -2.64 29.48
N LYS A 317 34.02 -2.04 29.84
CA LYS A 317 35.26 -2.80 29.87
C LYS A 317 35.17 -3.91 30.87
N LYS A 318 34.45 -3.64 31.96
CA LYS A 318 34.39 -4.62 33.03
C LYS A 318 33.46 -5.80 32.63
N PHE A 319 32.29 -5.50 32.11
CA PHE A 319 31.34 -6.56 31.87
C PHE A 319 31.56 -7.26 30.54
N VAL A 320 32.11 -6.55 29.55
CA VAL A 320 32.30 -7.14 28.22
C VAL A 320 33.66 -7.80 28.09
N GLY A 321 34.68 -7.30 28.82
CA GLY A 321 35.97 -8.00 28.94
C GLY A 321 36.72 -8.12 27.61
N SER A 322 37.26 -9.31 27.32
CA SER A 322 38.02 -9.55 26.11
C SER A 322 37.16 -9.50 24.85
N ARG A 323 35.84 -9.42 24.99
CA ARG A 323 35.02 -9.31 23.78
C ARG A 323 34.89 -7.85 23.33
N LEU A 324 35.49 -6.92 24.08
CA LEU A 324 35.40 -5.52 23.69
C LEU A 324 36.74 -5.14 23.06
N PRO A 325 36.75 -4.82 21.73
CA PRO A 325 38.00 -4.42 21.03
C PRO A 325 38.70 -3.25 21.69
N LYS A 326 40.01 -3.18 21.52
CA LYS A 326 40.80 -2.09 22.09
C LYS A 326 41.23 -1.13 21.01
N PHE A 327 41.28 0.15 21.32
CA PHE A 327 41.79 1.14 20.38
C PHE A 327 43.31 1.20 20.48
N SER A 328 44.00 1.44 19.36
CA SER A 328 45.44 1.71 19.44
C SER A 328 45.60 3.15 19.95
N PRO A 329 46.82 3.54 20.38
CA PRO A 329 46.93 4.95 20.84
C PRO A 329 46.64 5.99 19.73
N GLU A 330 46.96 5.68 18.46
CA GLU A 330 46.67 6.60 17.32
C GLU A 330 45.15 6.69 17.07
N GLN A 331 44.45 5.57 17.20
CA GLN A 331 42.99 5.59 17.04
C GLN A 331 42.36 6.41 18.17
N SER A 332 42.76 6.20 19.42
CA SER A 332 42.23 6.97 20.55
C SER A 332 42.43 8.48 20.39
N LYS A 333 43.63 8.86 19.95
CA LYS A 333 43.91 10.27 19.69
C LYS A 333 43.00 10.86 18.57
N MET A 334 42.78 10.07 17.52
CA MET A 334 41.91 10.48 16.43
C MET A 334 40.45 10.64 16.93
N LEU A 335 40.04 9.76 17.85
CA LEU A 335 38.65 9.69 18.34
C LEU A 335 38.33 10.79 19.33
N LYS A 336 39.30 11.13 20.18
CA LYS A 336 39.08 12.07 21.29
C LYS A 336 38.82 13.48 20.70
N GLY A 337 37.72 14.14 21.11
CA GLY A 337 37.31 15.43 20.52
C GLY A 337 36.94 15.42 19.04
N SER A 338 36.51 14.28 18.48
CA SER A 338 36.23 14.20 17.02
C SER A 338 34.82 14.62 16.62
N TYR A 339 34.45 15.85 16.97
CA TYR A 339 33.17 16.42 16.57
C TYR A 339 33.21 17.95 16.72
N ASP A 340 32.43 18.67 15.91
CA ASP A 340 32.12 20.09 16.23
C ASP A 340 30.84 20.25 17.06
N PHE A 341 29.94 19.27 16.93
CA PHE A 341 28.72 19.21 17.68
C PHE A 341 28.31 17.74 17.80
N VAL A 342 27.41 17.45 18.75
CA VAL A 342 26.78 16.11 18.85
C VAL A 342 25.26 16.26 18.72
N GLY A 343 24.62 15.48 17.85
CA GLY A 343 23.16 15.50 17.84
C GLY A 343 22.68 14.40 18.75
N LEU A 344 21.59 14.67 19.49
CA LEU A 344 20.91 13.61 20.29
C LEU A 344 19.50 13.34 19.77
N ASN A 345 19.16 12.05 19.64
CA ASN A 345 17.84 11.60 19.21
C ASN A 345 17.17 11.06 20.48
N TYR A 346 15.99 11.59 20.83
CA TYR A 346 15.27 11.20 22.03
C TYR A 346 13.80 10.94 21.76
N TYR A 347 13.30 9.81 22.24
CA TYR A 347 11.88 9.46 22.13
C TYR A 347 11.16 9.18 23.48
N THR A 348 11.86 8.46 24.35
CA THR A 348 11.20 7.76 25.45
C THR A 348 12.20 7.46 26.57
N ALA A 349 11.76 6.72 27.58
CA ALA A 349 12.50 6.55 28.80
C ALA A 349 12.07 5.21 29.40
N SER A 350 12.86 4.71 30.34
CA SER A 350 12.52 3.50 31.07
C SER A 350 13.05 3.59 32.50
N TYR A 351 12.44 2.83 33.42
CA TYR A 351 13.04 2.53 34.70
C TYR A 351 14.07 1.38 34.53
N VAL A 352 15.05 1.37 35.41
CA VAL A 352 16.11 0.39 35.29
C VAL A 352 16.37 -0.20 36.67
N THR A 353 16.56 -1.52 36.70
CA THR A 353 17.01 -2.15 37.95
C THR A 353 18.17 -3.11 37.65
N ASN A 354 18.90 -3.57 38.68
CA ASN A 354 20.00 -4.51 38.44
C ASN A 354 19.46 -5.83 37.86
N ALA A 355 20.20 -6.54 37.00
CA ALA A 355 19.67 -7.83 36.51
C ALA A 355 19.74 -8.85 37.61
N SER A 356 19.04 -9.96 37.46
CA SER A 356 19.26 -11.06 38.40
C SER A 356 19.78 -12.19 37.51
N ASN A 364 25.90 -18.62 26.81
CA ASN A 364 26.17 -17.83 25.61
C ASN A 364 26.20 -16.38 25.87
N PHE A 365 27.20 -15.68 25.35
CA PHE A 365 27.27 -14.23 25.49
C PHE A 365 26.33 -13.47 24.55
N SER A 366 25.83 -12.34 25.04
CA SER A 366 24.95 -11.48 24.28
C SER A 366 25.08 -10.03 24.79
N TYR A 367 25.15 -9.07 23.85
CA TYR A 367 25.11 -7.63 24.19
C TYR A 367 24.07 -7.36 25.28
N ASN A 368 22.92 -7.93 25.14
CA ASN A 368 21.89 -7.41 25.98
C ASN A 368 21.94 -7.95 27.38
N THR A 369 22.50 -9.16 27.54
CA THR A 369 22.75 -9.69 28.85
C THR A 369 24.05 -9.10 29.46
N ASP A 370 24.96 -8.59 28.64
CA ASP A 370 26.16 -7.89 29.15
C ASP A 370 25.84 -6.61 29.93
N ILE A 371 24.71 -5.95 29.61
CA ILE A 371 24.36 -4.69 30.28
C ILE A 371 24.09 -4.95 31.77
N HIS A 372 23.66 -6.18 32.05
CA HIS A 372 23.32 -6.60 33.42
C HIS A 372 22.28 -5.68 34.06
N VAL A 373 21.23 -5.35 33.32
CA VAL A 373 20.09 -4.60 33.88
C VAL A 373 18.79 -5.32 33.52
N THR A 374 17.72 -4.97 34.24
CA THR A 374 16.33 -5.23 33.82
C THR A 374 15.62 -3.90 33.61
N TYR A 375 14.95 -3.76 32.47
CA TYR A 375 14.11 -2.57 32.24
C TYR A 375 12.71 -2.73 32.85
N GLU A 376 12.18 -1.66 33.46
CA GLU A 376 10.83 -1.67 34.05
C GLU A 376 10.04 -0.49 33.49
N THR A 377 8.76 -0.68 33.15
CA THR A 377 7.96 0.43 32.60
C THR A 377 7.12 1.09 33.71
N ASP A 378 6.85 0.35 34.80
CA ASP A 378 5.88 0.76 35.81
C ASP A 378 6.46 0.81 37.22
N ARG A 379 5.99 1.79 38.01
CA ARG A 379 6.10 1.81 39.48
C ARG A 379 4.70 1.61 40.03
N ASN A 380 4.46 0.50 40.73
CA ASN A 380 3.17 0.25 41.39
C ASN A 380 2.01 0.44 40.38
N GLY A 381 2.07 -0.26 39.26
CA GLY A 381 1.08 -0.11 38.18
C GLY A 381 1.01 1.22 37.42
N VAL A 382 1.90 2.16 37.71
CA VAL A 382 1.90 3.45 37.00
C VAL A 382 3.05 3.46 36.01
N PRO A 383 2.73 3.41 34.68
CA PRO A 383 3.79 3.53 33.66
C PRO A 383 4.55 4.86 33.75
N ILE A 384 5.80 4.83 33.35
CA ILE A 384 6.61 6.03 33.34
C ILE A 384 5.95 7.11 32.44
N GLY A 385 5.22 6.68 31.42
CA GLY A 385 4.33 7.58 30.69
C GLY A 385 3.33 6.84 29.81
N PRO A 386 2.33 7.56 29.26
CA PRO A 386 1.34 6.90 28.36
C PRO A 386 2.01 6.42 27.06
N GLN A 387 1.44 5.40 26.42
CA GLN A 387 1.96 4.91 25.17
C GLN A 387 1.59 5.84 24.01
N SER A 388 2.43 5.89 22.98
CA SER A 388 2.01 6.56 21.74
C SER A 388 1.22 5.51 20.98
N GLY A 389 1.22 5.57 19.64
CA GLY A 389 0.65 4.52 18.81
C GLY A 389 1.54 3.28 18.85
N SER A 390 2.71 3.37 19.55
CA SER A 390 3.65 2.22 19.72
C SER A 390 3.78 1.80 21.17
N ASP A 391 3.79 0.50 21.47
CA ASP A 391 3.73 0.13 22.85
C ASP A 391 5.08 0.42 23.54
N TRP A 392 6.17 0.54 22.76
CA TRP A 392 7.49 0.86 23.35
C TRP A 392 7.71 2.37 23.55
N LEU A 393 6.87 3.22 23.01
CA LEU A 393 7.19 4.63 23.10
C LEU A 393 6.31 5.19 24.23
N LEU A 394 6.91 5.36 25.42
CA LEU A 394 6.17 5.89 26.57
C LEU A 394 6.53 7.36 26.66
N ILE A 395 5.53 8.23 26.75
CA ILE A 395 5.76 9.64 26.64
C ILE A 395 6.22 10.24 27.98
N TYR A 396 7.46 10.71 28.03
CA TYR A 396 8.06 11.19 29.26
C TYR A 396 8.91 12.44 28.92
N PRO A 397 8.26 13.63 28.83
CA PRO A 397 8.95 14.81 28.29
C PRO A 397 10.17 15.24 29.12
N GLU A 398 10.12 15.08 30.42
CA GLU A 398 11.29 15.40 31.28
C GLU A 398 12.53 14.56 30.87
N GLY A 399 12.29 13.44 30.20
CA GLY A 399 13.42 12.60 29.75
C GLY A 399 14.42 13.34 28.86
N ILE A 400 13.91 14.24 28.01
CA ILE A 400 14.78 14.98 27.11
C ILE A 400 15.63 16.03 27.83
N ARG A 401 15.04 16.67 28.84
CA ARG A 401 15.78 17.55 29.70
C ARG A 401 16.90 16.77 30.43
N LYS A 402 16.56 15.58 31.00
CA LYS A 402 17.57 14.80 31.77
C LYS A 402 18.69 14.29 30.86
N ILE A 403 18.36 13.76 29.67
CA ILE A 403 19.39 13.31 28.77
C ILE A 403 20.33 14.48 28.35
N LEU A 404 19.78 15.68 28.12
CA LEU A 404 20.61 16.78 27.74
C LEU A 404 21.54 17.19 28.88
N VAL A 405 21.01 17.30 30.10
CA VAL A 405 21.81 17.63 31.31
C VAL A 405 22.88 16.54 31.58
N TYR A 406 22.45 15.29 31.54
CA TYR A 406 23.35 14.17 31.64
C TYR A 406 24.52 14.22 30.63
N THR A 407 24.23 14.59 29.38
CA THR A 407 25.23 14.56 28.32
C THR A 407 26.25 15.67 28.55
N LYS A 408 25.83 16.86 28.95
CA LYS A 408 26.78 17.92 29.22
C LYS A 408 27.63 17.59 30.47
N LYS A 409 26.98 17.16 31.54
CA LYS A 409 27.69 16.80 32.76
C LYS A 409 28.70 15.65 32.54
N THR A 410 28.33 14.60 31.80
CA THR A 410 29.14 13.38 31.71
C THR A 410 30.23 13.49 30.65
N TYR A 411 29.90 14.13 29.52
CA TYR A 411 30.80 14.20 28.37
C TYR A 411 31.25 15.58 28.02
N ASN A 412 30.80 16.58 28.80
CA ASN A 412 31.14 17.97 28.52
C ASN A 412 31.08 18.45 27.06
N VAL A 413 30.02 18.12 26.36
CA VAL A 413 29.88 18.51 24.94
C VAL A 413 29.61 20.05 24.84
N PRO A 414 30.40 20.80 24.00
CA PRO A 414 30.17 22.26 24.14
C PRO A 414 28.99 22.76 23.29
N LEU A 415 28.61 21.97 22.26
CA LEU A 415 27.52 22.34 21.35
C LEU A 415 26.66 21.13 21.02
N ILE A 416 25.36 21.20 21.34
CA ILE A 416 24.44 20.04 21.09
C ILE A 416 23.23 20.47 20.28
N TYR A 417 22.79 19.61 19.37
CA TYR A 417 21.52 19.75 18.70
C TYR A 417 20.66 18.57 19.12
N VAL A 418 19.35 18.78 19.19
CA VAL A 418 18.43 17.67 19.22
C VAL A 418 18.17 17.37 17.76
N THR A 419 18.73 16.27 17.26
CA THR A 419 18.55 15.94 15.86
C THR A 419 17.34 15.07 15.58
N GLU A 420 16.74 14.44 16.61
CA GLU A 420 15.39 13.82 16.43
C GLU A 420 14.59 13.84 17.71
N ASN A 421 13.30 14.16 17.62
CA ASN A 421 12.37 14.01 18.71
C ASN A 421 11.00 14.00 18.04
N GLY A 422 10.15 13.05 18.41
CA GLY A 422 8.83 12.97 17.78
C GLY A 422 8.08 11.77 18.26
N VAL A 423 6.91 11.51 17.67
CA VAL A 423 5.98 10.52 18.21
C VAL A 423 5.10 10.02 17.07
N ASP A 424 4.58 8.80 17.21
CA ASP A 424 3.85 8.17 16.08
C ASP A 424 2.37 8.10 16.38
N ASP A 425 1.54 8.21 15.36
CA ASP A 425 0.12 8.17 15.53
C ASP A 425 -0.41 6.73 15.84
N VAL A 426 -1.56 6.65 16.49
CA VAL A 426 -2.29 5.42 16.78
C VAL A 426 -2.68 4.86 15.40
N LYS A 427 -2.47 3.57 15.18
CA LYS A 427 -2.82 2.91 13.89
C LYS A 427 -4.35 2.92 13.72
N ASN A 428 -4.88 3.44 12.58
CA ASN A 428 -6.36 3.46 12.36
C ASN A 428 -6.64 3.82 10.94
N THR A 429 -6.66 2.80 10.06
CA THR A 429 -7.01 2.96 8.67
C THR A 429 -8.48 3.33 8.42
N ASN A 430 -9.26 3.50 9.48
CA ASN A 430 -10.68 3.81 9.39
C ASN A 430 -10.94 5.33 9.26
N LEU A 431 -9.93 6.15 9.50
CA LEU A 431 -10.09 7.61 9.65
C LEU A 431 -9.93 8.33 8.30
N THR A 432 -10.75 9.34 8.03
CA THR A 432 -10.58 10.17 6.86
C THR A 432 -9.37 11.09 7.16
N LEU A 433 -8.83 11.72 6.12
CA LEU A 433 -7.76 12.71 6.30
C LEU A 433 -8.12 13.81 7.35
N SER A 434 -9.34 14.38 7.25
CA SER A 434 -9.77 15.39 8.24
C SER A 434 -9.53 14.96 9.66
N GLU A 435 -9.91 13.72 9.94
CA GLU A 435 -9.80 13.18 11.30
C GLU A 435 -8.34 12.80 11.58
N ALA A 436 -7.69 12.17 10.59
CA ALA A 436 -6.33 11.67 10.75
C ALA A 436 -5.34 12.78 11.05
N ARG A 437 -5.62 13.99 10.61
CA ARG A 437 -4.59 15.00 10.64
C ARG A 437 -4.73 15.81 11.95
N LYS A 438 -5.74 15.46 12.78
CA LYS A 438 -5.91 16.18 14.06
C LYS A 438 -5.05 15.49 15.10
N ASP A 439 -3.75 15.78 15.06
CA ASP A 439 -2.78 14.96 15.79
C ASP A 439 -2.45 15.64 17.13
N SER A 440 -3.46 15.68 18.01
CA SER A 440 -3.29 16.37 19.31
C SER A 440 -2.23 15.76 20.15
N MET A 441 -2.13 14.44 20.08
CA MET A 441 -1.09 13.80 20.90
C MET A 441 0.35 14.25 20.46
N ARG A 442 0.61 14.24 19.15
CA ARG A 442 1.83 14.83 18.62
C ARG A 442 2.02 16.30 19.01
N LEU A 443 0.99 17.12 18.83
CA LEU A 443 1.08 18.54 19.15
C LEU A 443 1.50 18.72 20.61
N LYS A 444 0.81 18.05 21.54
CA LYS A 444 1.19 18.11 22.94
C LYS A 444 2.63 17.59 23.16
N TYR A 445 2.95 16.47 22.50
CA TYR A 445 4.26 15.85 22.63
C TYR A 445 5.40 16.84 22.24
N LEU A 446 5.25 17.44 21.06
CA LEU A 446 6.25 18.41 20.60
C LEU A 446 6.35 19.58 21.57
N GLN A 447 5.22 20.16 21.95
CA GLN A 447 5.21 21.29 22.90
C GLN A 447 5.94 20.94 24.17
N ASP A 448 5.64 19.77 24.74
CA ASP A 448 6.21 19.42 26.08
C ASP A 448 7.74 19.19 25.98
N HIS A 449 8.15 18.49 24.90
CA HIS A 449 9.57 18.21 24.67
C HIS A 449 10.39 19.47 24.38
N ILE A 450 9.85 20.32 23.50
CA ILE A 450 10.50 21.60 23.18
C ILE A 450 10.58 22.46 24.45
N PHE A 451 9.53 22.44 25.28
CA PHE A 451 9.58 23.13 26.58
C PHE A 451 10.75 22.63 27.45
N ASN A 452 10.88 21.31 27.45
CA ASN A 452 11.92 20.63 28.25
C ASN A 452 13.33 20.89 27.72
N VAL A 453 13.45 21.00 26.40
CA VAL A 453 14.71 21.46 25.82
C VAL A 453 15.06 22.88 26.31
N ARG A 454 14.09 23.78 26.35
CA ARG A 454 14.31 25.13 26.86
C ARG A 454 14.74 25.09 28.34
N GLN A 455 14.17 24.14 29.09
CA GLN A 455 14.51 24.00 30.51
C GLN A 455 15.98 23.52 30.62
N ALA A 456 16.42 22.64 29.71
CA ALA A 456 17.80 22.15 29.72
C ALA A 456 18.81 23.30 29.42
N MET A 457 18.40 24.18 28.51
CA MET A 457 19.16 25.36 28.19
C MET A 457 19.23 26.30 29.42
N ASN A 458 18.12 26.47 30.14
CA ASN A 458 18.22 27.20 31.43
C ASN A 458 19.15 26.51 32.42
N ASP A 459 19.24 25.17 32.38
CA ASP A 459 20.15 24.45 33.30
C ASP A 459 21.60 24.64 32.87
N GLY A 460 21.88 25.20 31.70
CA GLY A 460 23.28 25.40 31.29
C GLY A 460 23.67 24.58 30.05
N VAL A 461 22.74 23.85 29.44
CA VAL A 461 23.15 23.08 28.29
C VAL A 461 23.11 23.98 27.05
N ASN A 462 24.18 23.94 26.26
CA ASN A 462 24.29 24.80 25.12
C ASN A 462 23.68 24.13 23.91
N VAL A 463 22.35 24.20 23.81
CA VAL A 463 21.62 23.52 22.71
C VAL A 463 21.40 24.52 21.59
N LYS A 464 21.78 24.15 20.35
CA LYS A 464 21.75 25.12 19.23
C LYS A 464 20.59 24.90 18.27
N GLY A 465 19.92 23.78 18.40
CA GLY A 465 18.78 23.58 17.52
C GLY A 465 18.01 22.34 17.91
N TYR A 466 16.88 22.12 17.24
CA TYR A 466 15.94 21.05 17.55
C TYR A 466 15.31 20.64 16.23
N PHE A 467 15.37 19.36 15.92
CA PHE A 467 14.78 18.86 14.69
C PHE A 467 13.68 17.86 15.06
N ALA A 468 12.44 18.13 14.64
CA ALA A 468 11.37 17.16 14.80
C ALA A 468 11.62 15.96 13.89
N TRP A 469 11.32 14.75 14.39
CA TRP A 469 11.22 13.57 13.56
C TRP A 469 9.73 13.24 13.49
N SER A 470 9.12 13.16 12.29
CA SER A 470 9.77 13.36 10.99
C SER A 470 9.01 14.40 10.16
N LEU A 471 9.58 14.87 9.05
CA LEU A 471 8.82 15.80 8.22
C LEU A 471 7.58 15.03 7.68
N LEU A 472 7.83 13.87 7.08
CA LEU A 472 6.78 13.10 6.36
C LEU A 472 6.53 11.77 7.08
N ASP A 473 5.30 11.30 7.09
CA ASP A 473 5.10 9.88 7.36
C ASP A 473 6.00 9.14 6.38
N ASN A 474 6.60 8.02 6.82
CA ASN A 474 7.56 7.33 5.95
C ASN A 474 7.73 5.83 6.34
N PHE A 475 8.73 5.15 5.75
CA PHE A 475 8.99 3.75 6.01
C PHE A 475 9.63 3.61 7.41
N GLU A 476 8.92 3.01 8.36
CA GLU A 476 9.47 2.97 9.71
C GLU A 476 10.13 1.61 9.96
N TRP A 477 11.10 1.30 9.11
CA TRP A 477 11.91 0.09 9.21
C TRP A 477 11.14 -1.25 9.35
N GLY A 478 11.38 -1.98 10.44
CA GLY A 478 10.64 -3.22 10.75
C GLY A 478 9.14 -3.05 10.88
N GLU A 479 8.70 -1.86 11.21
CA GLU A 479 7.22 -1.59 11.30
C GLU A 479 6.57 -1.22 9.98
N GLY A 480 7.32 -1.07 8.90
CA GLY A 480 6.68 -0.76 7.58
C GLY A 480 6.11 0.67 7.61
N TYR A 481 5.00 0.86 6.91
CA TYR A 481 4.35 2.18 6.77
C TYR A 481 3.27 2.47 7.81
N GLY A 482 2.87 1.49 8.63
CA GLY A 482 1.74 1.63 9.56
C GLY A 482 2.06 2.60 10.71
N VAL A 483 3.34 2.84 10.92
CA VAL A 483 3.78 3.73 12.00
C VAL A 483 4.11 5.10 11.43
N ARG A 484 3.21 6.07 11.68
CA ARG A 484 3.28 7.40 11.07
C ARG A 484 3.91 8.40 12.04
N PHE A 485 5.14 8.82 11.78
CA PHE A 485 5.85 9.89 12.59
C PHE A 485 5.75 11.32 12.07
N GLY A 486 5.14 11.50 10.89
CA GLY A 486 5.24 12.83 10.22
C GLY A 486 4.49 13.96 10.89
N ILE A 487 5.05 15.17 10.83
CA ILE A 487 4.15 16.32 10.97
C ILE A 487 3.33 16.57 9.69
N ILE A 488 3.70 15.90 8.60
CA ILE A 488 2.97 15.98 7.32
C ILE A 488 2.37 14.61 7.07
N HIS A 489 1.04 14.54 6.87
CA HIS A 489 0.40 13.26 6.56
C HIS A 489 0.72 12.81 5.15
N ILE A 490 0.81 11.47 4.93
CA ILE A 490 1.00 10.92 3.57
C ILE A 490 -0.19 10.07 3.14
N ASP A 491 -0.76 10.33 1.97
CA ASP A 491 -1.82 9.48 1.54
C ASP A 491 -1.27 8.32 0.69
N TYR A 492 -1.09 7.16 1.31
CA TYR A 492 -0.51 6.00 0.62
C TYR A 492 -1.46 5.46 -0.42
N ASN A 493 -2.73 5.87 -0.41
CA ASN A 493 -3.68 5.41 -1.45
C ASN A 493 -3.59 6.23 -2.75
N ASP A 494 -2.94 7.39 -2.67
CA ASP A 494 -3.05 8.38 -3.77
C ASP A 494 -1.73 9.15 -3.95
N ASN A 495 -0.72 8.43 -4.47
CA ASN A 495 0.59 8.97 -4.92
C ASN A 495 1.25 9.73 -3.79
N PHE A 496 1.05 9.28 -2.55
CA PHE A 496 1.79 9.77 -1.40
C PHE A 496 1.53 11.26 -1.21
N ALA A 497 0.29 11.69 -1.48
CA ALA A 497 -0.11 13.08 -1.35
C ALA A 497 0.22 13.57 0.08
N ARG A 498 0.85 14.73 0.17
CA ARG A 498 1.28 15.34 1.44
C ARG A 498 0.19 16.30 1.89
N TYR A 499 -0.10 16.30 3.17
CA TYR A 499 -1.04 17.28 3.70
C TYR A 499 -0.58 17.60 5.13
N PRO A 500 -0.42 18.88 5.47
CA PRO A 500 0.07 19.18 6.84
C PRO A 500 -0.90 18.72 7.95
N LYS A 501 -0.37 18.14 9.03
CA LYS A 501 -1.18 17.83 10.24
C LYS A 501 -1.26 19.11 11.10
N ASP A 502 -2.12 19.07 12.14
CA ASP A 502 -2.29 20.20 13.04
C ASP A 502 -0.90 20.62 13.62
N SER A 503 -0.05 19.63 13.93
CA SER A 503 1.29 19.90 14.50
C SER A 503 2.20 20.74 13.59
N ALA A 504 2.11 20.47 12.27
CA ALA A 504 2.84 21.26 11.29
C ALA A 504 2.43 22.73 11.29
N VAL A 505 1.11 22.99 11.37
CA VAL A 505 0.58 24.34 11.30
C VAL A 505 0.99 25.07 12.58
N TRP A 506 0.94 24.37 13.69
CA TRP A 506 1.33 24.97 14.99
C TRP A 506 2.84 25.33 14.90
N LEU A 507 3.65 24.41 14.40
CA LEU A 507 5.12 24.68 14.31
C LEU A 507 5.43 25.94 13.46
N MET A 508 4.75 26.03 12.32
CA MET A 508 4.85 27.16 11.42
C MET A 508 4.48 28.45 12.14
N ASN A 509 3.36 28.44 12.85
CA ASN A 509 2.83 29.65 13.36
C ASN A 509 3.62 30.11 14.61
N SER A 510 4.14 29.14 15.34
CA SER A 510 4.79 29.37 16.62
C SER A 510 6.30 29.52 16.49
N PHE A 511 6.84 28.92 15.43
CA PHE A 511 8.29 28.93 15.21
C PHE A 511 8.83 29.50 13.90
N HIS A 512 8.00 30.08 13.04
CA HIS A 512 8.46 30.69 11.78
C HIS A 512 9.44 31.85 11.98
N LYS A 513 10.54 32.06 11.24
CA LYS A 513 11.05 33.47 11.30
C LYS A 513 10.50 34.30 10.16
N ASP B 13 -8.57 -36.08 -18.16
CA ASP B 13 -7.37 -35.35 -17.60
C ASP B 13 -7.28 -33.83 -17.93
N ALA B 14 -7.82 -33.04 -17.02
CA ALA B 14 -7.85 -31.60 -17.16
C ALA B 14 -6.49 -30.91 -17.36
N THR B 15 -5.39 -31.52 -16.86
CA THR B 15 -4.04 -30.86 -16.96
C THR B 15 -3.61 -30.76 -18.43
N ARG B 16 -4.24 -31.58 -19.26
CA ARG B 16 -3.98 -31.57 -20.69
C ARG B 16 -4.85 -30.66 -21.52
N ILE B 17 -5.90 -30.04 -20.96
CA ILE B 17 -6.83 -29.20 -21.74
C ILE B 17 -6.10 -28.07 -22.52
N SER B 18 -6.46 -27.85 -23.79
CA SER B 18 -5.79 -26.84 -24.64
C SER B 18 -6.68 -26.28 -25.71
N ARG B 19 -6.20 -25.27 -26.41
CA ARG B 19 -6.95 -24.74 -27.53
C ARG B 19 -7.40 -25.88 -28.51
N SER B 20 -6.67 -26.97 -28.63
CA SER B 20 -7.09 -27.91 -29.68
C SER B 20 -8.31 -28.76 -29.26
N ASP B 21 -8.78 -28.59 -28.02
CA ASP B 21 -10.00 -29.24 -27.57
C ASP B 21 -11.26 -28.41 -27.89
N PHE B 22 -11.08 -27.22 -28.44
CA PHE B 22 -12.15 -26.25 -28.74
C PHE B 22 -12.35 -25.93 -30.22
N PRO B 23 -13.52 -25.39 -30.62
CA PRO B 23 -13.65 -24.99 -32.04
C PRO B 23 -12.65 -23.92 -32.41
N ALA B 24 -12.30 -23.91 -33.70
CA ALA B 24 -11.41 -22.92 -34.28
C ALA B 24 -11.72 -21.48 -33.88
N ASP B 25 -13.00 -21.07 -33.85
CA ASP B 25 -13.34 -19.64 -33.61
C ASP B 25 -13.59 -19.34 -32.11
N PHE B 26 -13.28 -20.32 -31.23
CA PHE B 26 -13.52 -20.19 -29.80
C PHE B 26 -12.65 -19.06 -29.23
N ILE B 27 -13.24 -18.19 -28.44
CA ILE B 27 -12.51 -17.01 -27.95
C ILE B 27 -12.02 -17.20 -26.52
N MET B 28 -10.72 -16.89 -26.24
CA MET B 28 -10.12 -16.98 -24.89
C MET B 28 -9.69 -15.57 -24.48
N GLY B 29 -9.95 -15.15 -23.23
CA GLY B 29 -9.51 -13.83 -22.85
C GLY B 29 -9.38 -13.74 -21.34
N THR B 30 -9.22 -12.49 -20.87
CA THR B 30 -9.04 -12.17 -19.50
C THR B 30 -9.80 -10.86 -19.31
N GLY B 31 -9.92 -10.37 -18.08
CA GLY B 31 -10.86 -9.32 -17.73
C GLY B 31 -10.33 -8.35 -16.69
N SER B 32 -10.97 -7.21 -16.68
CA SER B 32 -10.78 -6.22 -15.65
C SER B 32 -12.08 -5.37 -15.54
N SER B 33 -12.07 -4.41 -14.62
CA SER B 33 -13.11 -3.37 -14.63
C SER B 33 -12.46 -2.05 -14.25
N ALA B 34 -13.10 -0.98 -14.70
CA ALA B 34 -12.51 0.32 -14.67
C ALA B 34 -12.07 0.71 -13.27
N TYR B 35 -12.96 0.61 -12.27
CA TYR B 35 -12.63 1.09 -10.94
C TYR B 35 -11.52 0.21 -10.29
N GLN B 36 -11.51 -1.09 -10.62
CA GLN B 36 -10.59 -2.00 -10.01
C GLN B 36 -9.16 -1.86 -10.51
N ILE B 37 -8.95 -1.38 -11.75
CA ILE B 37 -7.55 -1.26 -12.28
C ILE B 37 -7.05 0.14 -12.67
N GLU B 38 -7.95 1.07 -13.04
CA GLU B 38 -7.49 2.28 -13.71
C GLU B 38 -6.66 3.21 -12.82
N GLY B 39 -7.15 3.51 -11.61
CA GLY B 39 -6.59 4.66 -10.95
C GLY B 39 -6.89 5.91 -11.77
N GLY B 40 -5.98 6.88 -11.73
CA GLY B 40 -6.30 8.18 -12.36
C GLY B 40 -7.73 8.62 -12.00
N ALA B 41 -8.11 8.49 -10.71
CA ALA B 41 -9.52 8.69 -10.29
C ALA B 41 -9.97 10.14 -10.49
N ARG B 42 -9.03 11.06 -10.31
CA ARG B 42 -9.30 12.51 -10.48
C ARG B 42 -8.38 12.99 -11.61
N ASP B 43 -7.91 12.10 -12.49
CA ASP B 43 -6.98 12.54 -13.52
C ASP B 43 -7.75 12.56 -14.83
N GLY B 44 -7.26 13.41 -15.75
CA GLY B 44 -7.77 13.45 -17.10
C GLY B 44 -9.23 13.83 -17.13
N GLY B 45 -9.68 14.67 -16.16
CA GLY B 45 -11.12 15.05 -16.11
C GLY B 45 -12.19 14.08 -15.58
N ARG B 46 -11.80 12.87 -15.14
CA ARG B 46 -12.78 11.97 -14.51
C ARG B 46 -13.50 12.57 -13.33
N GLY B 47 -14.79 12.38 -13.32
CA GLY B 47 -15.61 12.70 -12.14
C GLY B 47 -15.81 11.50 -11.20
N PRO B 48 -16.25 11.76 -9.96
CA PRO B 48 -16.32 10.69 -8.98
C PRO B 48 -17.48 9.73 -9.22
N SER B 49 -17.25 8.41 -8.94
CA SER B 49 -18.34 7.45 -8.87
C SER B 49 -18.73 7.18 -7.39
N ILE B 50 -19.81 6.41 -7.20
CA ILE B 50 -20.25 5.99 -5.85
C ILE B 50 -19.15 5.19 -5.11
N TRP B 51 -18.30 4.52 -5.89
CA TRP B 51 -17.19 3.79 -5.22
C TRP B 51 -16.06 4.71 -4.70
N ASP B 52 -15.78 5.83 -5.39
CA ASP B 52 -14.86 6.88 -4.86
C ASP B 52 -15.42 7.31 -3.54
N THR B 53 -16.69 7.67 -3.51
CA THR B 53 -17.27 8.29 -2.34
C THR B 53 -17.32 7.31 -1.14
N PHE B 54 -17.73 6.08 -1.45
CA PHE B 54 -17.89 5.01 -0.47
C PHE B 54 -16.53 4.75 0.17
N THR B 55 -15.50 4.54 -0.67
CA THR B 55 -14.13 4.27 -0.13
C THR B 55 -13.49 5.43 0.65
N HIS B 56 -13.82 6.68 0.28
CA HIS B 56 -13.26 7.86 0.98
C HIS B 56 -14.03 8.23 2.19
N ARG B 57 -15.37 8.14 2.11
CA ARG B 57 -16.16 8.54 3.28
C ARG B 57 -16.30 7.42 4.31
N ARG B 58 -16.17 6.16 3.88
CA ARG B 58 -16.40 5.06 4.80
C ARG B 58 -15.27 4.06 4.62
N PRO B 59 -14.01 4.48 4.90
CA PRO B 59 -12.91 3.53 4.64
C PRO B 59 -12.96 2.32 5.62
N ASP B 60 -13.73 2.41 6.72
CA ASP B 60 -13.96 1.20 7.55
C ASP B 60 -14.66 0.05 6.81
N MET B 61 -15.32 0.33 5.69
CA MET B 61 -16.01 -0.70 4.91
C MET B 61 -15.07 -1.49 4.00
N ILE B 62 -13.80 -1.10 4.01
CA ILE B 62 -12.81 -1.68 3.08
C ILE B 62 -11.67 -2.21 3.90
N ARG B 63 -11.32 -3.45 3.64
CA ARG B 63 -10.23 -4.09 4.35
C ARG B 63 -8.93 -3.34 4.11
N GLY B 64 -8.33 -2.82 5.15
CA GLY B 64 -7.15 -2.00 5.00
C GLY B 64 -7.46 -0.52 4.74
N GLY B 65 -8.74 -0.14 4.57
CA GLY B 65 -9.12 1.29 4.40
C GLY B 65 -8.65 1.89 3.08
N THR B 66 -8.39 1.06 2.06
CA THR B 66 -7.86 1.50 0.79
C THR B 66 -8.97 1.90 -0.17
N ASN B 67 -8.58 2.31 -1.39
CA ASN B 67 -9.50 2.83 -2.39
C ASN B 67 -8.89 2.72 -3.80
N GLY B 68 -9.68 3.11 -4.80
CA GLY B 68 -9.26 3.00 -6.17
C GLY B 68 -8.66 4.30 -6.71
N ASP B 69 -8.21 5.23 -5.83
CA ASP B 69 -7.59 6.44 -6.40
C ASP B 69 -6.48 6.13 -7.44
N VAL B 70 -5.62 5.16 -7.12
CA VAL B 70 -4.51 4.75 -8.02
C VAL B 70 -4.68 3.31 -8.53
N ALA B 71 -5.27 2.45 -7.70
CA ALA B 71 -5.53 1.06 -8.09
C ALA B 71 -4.23 0.42 -8.63
N VAL B 72 -4.22 -0.16 -9.86
CA VAL B 72 -2.95 -0.64 -10.38
C VAL B 72 -2.45 0.25 -11.53
N ASP B 73 -3.04 1.46 -11.57
CA ASP B 73 -2.67 2.51 -12.45
C ASP B 73 -2.74 2.16 -13.92
N SER B 74 -3.69 1.30 -14.36
CA SER B 74 -3.86 1.09 -15.78
C SER B 74 -4.28 2.33 -16.59
N TYR B 75 -4.77 3.38 -15.89
CA TYR B 75 -4.95 4.63 -16.58
C TYR B 75 -3.65 5.10 -17.22
N HIS B 76 -2.53 5.16 -16.47
CA HIS B 76 -1.23 5.58 -17.07
C HIS B 76 -0.48 4.42 -17.69
N LEU B 77 -0.71 3.18 -17.21
CA LEU B 77 0.08 2.02 -17.63
C LEU B 77 -0.56 1.20 -18.72
N TYR B 78 -1.57 1.76 -19.40
CA TYR B 78 -2.33 0.93 -20.38
C TYR B 78 -1.46 0.25 -21.47
N LYS B 79 -0.38 0.95 -21.85
CA LYS B 79 0.53 0.43 -22.87
C LYS B 79 1.24 -0.85 -22.43
N GLU B 80 1.58 -0.88 -21.15
CA GLU B 80 2.16 -2.05 -20.52
CA GLU B 80 2.17 -2.05 -20.54
C GLU B 80 1.12 -3.17 -20.45
N ASP B 81 -0.13 -2.85 -20.05
CA ASP B 81 -1.19 -3.91 -20.06
C ASP B 81 -1.39 -4.52 -21.45
N VAL B 82 -1.41 -3.65 -22.46
CA VAL B 82 -1.57 -4.10 -23.83
C VAL B 82 -0.36 -4.98 -24.23
N ASN B 83 0.86 -4.58 -23.82
CA ASN B 83 2.03 -5.36 -24.15
C ASN B 83 1.93 -6.76 -23.47
N ILE B 84 1.61 -6.77 -22.17
CA ILE B 84 1.31 -8.05 -21.47
C ILE B 84 0.24 -8.93 -22.20
N LEU B 85 -0.87 -8.32 -22.63
CA LEU B 85 -1.92 -9.05 -23.36
C LEU B 85 -1.40 -9.63 -24.66
N LYS B 86 -0.48 -8.89 -25.28
CA LYS B 86 0.15 -9.34 -26.50
C LYS B 86 1.04 -10.55 -26.22
N ASN B 87 1.93 -10.42 -25.24
CA ASN B 87 2.74 -11.58 -24.86
C ASN B 87 1.90 -12.81 -24.41
N LEU B 88 0.78 -12.57 -23.72
CA LEU B 88 -0.10 -13.62 -23.26
C LEU B 88 -0.73 -14.38 -24.46
N GLY B 89 -1.06 -13.65 -25.52
CA GLY B 89 -1.42 -14.30 -26.82
C GLY B 89 -2.85 -14.83 -26.87
N LEU B 90 -3.74 -14.41 -25.98
CA LEU B 90 -5.15 -14.85 -25.99
C LEU B 90 -5.93 -13.89 -26.92
N ASP B 91 -7.11 -14.30 -27.42
CA ASP B 91 -7.84 -13.55 -28.47
C ASP B 91 -8.45 -12.24 -28.03
N ALA B 92 -8.77 -12.08 -26.75
CA ALA B 92 -9.65 -10.98 -26.35
C ALA B 92 -9.43 -10.47 -24.96
N TYR B 93 -9.95 -9.26 -24.67
CA TYR B 93 -9.75 -8.62 -23.40
C TYR B 93 -11.05 -7.92 -23.02
N ARG B 94 -11.55 -8.23 -21.85
CA ARG B 94 -12.85 -7.71 -21.39
C ARG B 94 -12.50 -6.57 -20.42
N PHE B 95 -13.00 -5.37 -20.63
CA PHE B 95 -12.76 -4.27 -19.68
C PHE B 95 -14.06 -3.46 -19.65
N SER B 96 -14.12 -2.45 -18.79
CA SER B 96 -15.34 -1.66 -18.70
C SER B 96 -14.95 -0.20 -18.87
N ILE B 97 -15.95 0.58 -19.23
CA ILE B 97 -15.74 2.02 -19.34
C ILE B 97 -16.25 2.63 -18.04
N SER B 98 -15.47 3.55 -17.48
CA SER B 98 -15.97 4.27 -16.34
C SER B 98 -16.92 5.34 -16.85
N TRP B 99 -18.21 5.20 -16.53
CA TRP B 99 -19.23 6.18 -16.94
C TRP B 99 -18.81 7.63 -16.54
N SER B 100 -18.30 7.80 -15.32
CA SER B 100 -17.94 9.18 -14.89
C SER B 100 -16.55 9.63 -15.40
N ARG B 101 -15.85 8.74 -16.11
CA ARG B 101 -14.67 9.21 -16.84
C ARG B 101 -15.08 9.90 -18.16
N VAL B 102 -16.01 9.29 -18.93
CA VAL B 102 -16.47 9.97 -20.16
C VAL B 102 -17.53 11.10 -19.93
N LEU B 103 -18.34 10.99 -18.88
CA LEU B 103 -19.35 11.99 -18.52
C LEU B 103 -19.21 12.25 -17.02
N PRO B 104 -18.39 13.23 -16.62
CA PRO B 104 -18.08 13.39 -15.18
C PRO B 104 -19.29 13.66 -14.30
N GLY B 105 -20.32 14.30 -14.87
CA GLY B 105 -21.56 14.55 -14.14
C GLY B 105 -22.67 13.53 -14.49
N GLY B 106 -22.29 12.46 -15.16
CA GLY B 106 -23.21 11.35 -15.55
C GLY B 106 -24.17 11.67 -16.71
N ARG B 107 -24.85 12.80 -16.64
CA ARG B 107 -25.73 13.19 -17.75
C ARG B 107 -24.97 14.11 -18.74
N LEU B 108 -25.46 14.24 -19.98
CA LEU B 108 -24.80 15.08 -20.94
C LEU B 108 -24.61 16.53 -20.40
N SER B 109 -25.52 16.97 -19.55
CA SER B 109 -25.46 18.35 -19.07
C SER B 109 -24.28 18.55 -18.07
N GLY B 110 -23.62 17.47 -17.67
CA GLY B 110 -22.36 17.63 -16.89
C GLY B 110 -21.09 17.73 -17.76
N GLY B 111 -21.24 17.76 -19.09
CA GLY B 111 -20.11 17.91 -19.99
C GLY B 111 -19.61 16.53 -20.51
N VAL B 112 -19.11 16.55 -21.76
CA VAL B 112 -18.49 15.40 -22.35
C VAL B 112 -17.00 15.53 -22.21
N ASN B 113 -16.36 14.51 -21.66
CA ASN B 113 -14.96 14.59 -21.37
C ASN B 113 -14.08 14.00 -22.48
N LYS B 114 -13.53 14.87 -23.35
CA LYS B 114 -12.75 14.37 -24.50
CA LYS B 114 -12.68 14.45 -24.50
C LYS B 114 -11.51 13.55 -24.12
N GLU B 115 -10.81 13.92 -23.05
CA GLU B 115 -9.63 13.18 -22.61
CA GLU B 115 -9.65 13.20 -22.53
C GLU B 115 -10.02 11.78 -22.11
N GLY B 116 -11.20 11.63 -21.50
CA GLY B 116 -11.67 10.36 -21.12
C GLY B 116 -11.97 9.49 -22.35
N ILE B 117 -12.65 10.07 -23.34
CA ILE B 117 -12.92 9.35 -24.58
C ILE B 117 -11.58 8.96 -25.27
N ASN B 118 -10.61 9.87 -25.21
CA ASN B 118 -9.25 9.62 -25.76
CA ASN B 118 -9.31 9.61 -25.80
C ASN B 118 -8.61 8.41 -25.18
N TYR B 119 -8.67 8.33 -23.85
CA TYR B 119 -8.10 7.21 -23.15
C TYR B 119 -8.64 5.89 -23.68
N TYR B 120 -9.99 5.75 -23.74
CA TYR B 120 -10.58 4.49 -24.24
C TYR B 120 -10.27 4.24 -25.72
N ASN B 121 -10.22 5.31 -26.51
CA ASN B 121 -9.76 5.16 -27.87
C ASN B 121 -8.34 4.60 -27.96
N ASN B 122 -7.45 5.10 -27.10
CA ASN B 122 -6.03 4.69 -27.13
C ASN B 122 -5.93 3.22 -26.72
N LEU B 123 -6.70 2.85 -25.72
CA LEU B 123 -6.72 1.49 -25.26
C LEU B 123 -7.26 0.59 -26.40
N ILE B 124 -8.37 0.98 -27.01
CA ILE B 124 -9.00 0.11 -28.05
C ILE B 124 -8.04 -0.03 -29.26
N ASP B 125 -7.44 1.10 -29.66
CA ASP B 125 -6.50 1.09 -30.78
C ASP B 125 -5.26 0.21 -30.51
N GLY B 126 -4.72 0.32 -29.29
CA GLY B 126 -3.59 -0.50 -28.83
C GLY B 126 -3.97 -1.99 -28.88
N LEU B 127 -5.18 -2.32 -28.40
CA LEU B 127 -5.63 -3.71 -28.41
C LEU B 127 -5.72 -4.25 -29.85
N LEU B 128 -6.40 -3.51 -30.77
CA LEU B 128 -6.60 -3.99 -32.15
C LEU B 128 -5.27 -4.09 -32.90
N ALA B 129 -4.35 -3.15 -32.62
CA ALA B 129 -3.04 -3.11 -33.28
C ALA B 129 -2.29 -4.41 -32.98
N ASN B 130 -2.62 -5.02 -31.82
CA ASN B 130 -2.01 -6.25 -31.39
C ASN B 130 -2.87 -7.51 -31.57
N GLY B 131 -3.87 -7.45 -32.45
CA GLY B 131 -4.75 -8.61 -32.80
C GLY B 131 -5.69 -9.03 -31.64
N ILE B 132 -6.01 -8.12 -30.69
CA ILE B 132 -6.82 -8.47 -29.52
C ILE B 132 -8.22 -7.82 -29.62
N LYS B 133 -9.29 -8.62 -29.49
CA LYS B 133 -10.66 -8.15 -29.56
C LYS B 133 -11.11 -7.52 -28.26
N PRO B 134 -11.60 -6.28 -28.33
CA PRO B 134 -12.16 -5.69 -27.08
C PRO B 134 -13.64 -6.10 -26.82
N PHE B 135 -13.88 -6.58 -25.59
CA PHE B 135 -15.21 -6.86 -25.06
C PHE B 135 -15.45 -5.82 -23.99
N VAL B 136 -16.44 -4.95 -24.19
CA VAL B 136 -16.53 -3.72 -23.35
C VAL B 136 -17.87 -3.66 -22.60
N THR B 137 -17.77 -3.54 -21.28
CA THR B 137 -18.92 -3.42 -20.43
C THR B 137 -19.11 -1.97 -20.12
N LEU B 138 -20.36 -1.54 -20.26
CA LEU B 138 -20.71 -0.10 -20.00
C LEU B 138 -20.79 0.12 -18.51
N PHE B 139 -21.45 -0.81 -17.80
CA PHE B 139 -21.66 -0.57 -16.40
C PHE B 139 -21.16 -1.67 -15.49
N HIS B 140 -20.11 -1.33 -14.75
CA HIS B 140 -19.55 -2.26 -13.77
C HIS B 140 -19.44 -1.53 -12.41
N TRP B 141 -20.61 -1.11 -11.95
CA TRP B 141 -20.89 -0.64 -10.58
C TRP B 141 -20.51 0.78 -10.26
N ASP B 142 -19.72 1.38 -11.14
CA ASP B 142 -19.20 2.74 -10.88
C ASP B 142 -20.18 3.85 -11.31
N VAL B 143 -21.34 3.89 -10.61
CA VAL B 143 -22.42 4.91 -10.86
C VAL B 143 -21.85 6.32 -10.64
N PRO B 144 -22.01 7.24 -11.62
CA PRO B 144 -21.53 8.64 -11.31
C PRO B 144 -22.17 9.19 -10.03
N GLN B 145 -21.34 9.71 -9.10
CA GLN B 145 -21.84 10.26 -7.92
C GLN B 145 -22.86 11.36 -8.24
N ALA B 146 -22.70 12.09 -9.36
CA ALA B 146 -23.62 13.21 -9.61
C ALA B 146 -25.05 12.70 -9.73
N LEU B 147 -25.22 11.49 -10.34
CA LEU B 147 -26.52 10.87 -10.52
C LEU B 147 -27.05 10.29 -9.19
N GLU B 148 -26.14 9.71 -8.42
CA GLU B 148 -26.50 9.21 -7.09
C GLU B 148 -27.05 10.36 -6.22
N ASP B 149 -26.34 11.49 -6.22
CA ASP B 149 -26.74 12.65 -5.41
C ASP B 149 -28.00 13.34 -5.95
N GLU B 150 -28.12 13.49 -7.28
CA GLU B 150 -29.25 14.25 -7.78
C GLU B 150 -30.58 13.50 -7.56
N TYR B 151 -30.59 12.21 -7.80
CA TYR B 151 -31.86 11.48 -7.72
C TYR B 151 -31.80 10.08 -7.17
N GLY B 152 -30.67 9.70 -6.57
CA GLY B 152 -30.54 8.36 -6.00
C GLY B 152 -30.06 7.26 -6.97
N GLY B 153 -29.46 7.64 -8.10
CA GLY B 153 -28.93 6.63 -9.01
C GLY B 153 -29.99 5.58 -9.41
N PHE B 154 -29.63 4.29 -9.34
CA PHE B 154 -30.51 3.22 -9.71
C PHE B 154 -31.79 3.07 -8.89
N LEU B 155 -31.94 3.85 -7.82
CA LEU B 155 -33.21 3.88 -7.13
C LEU B 155 -34.28 4.62 -7.92
N SER B 156 -33.89 5.38 -8.96
CA SER B 156 -34.85 6.23 -9.64
C SER B 156 -35.02 5.79 -11.07
N PRO B 157 -36.26 5.87 -11.61
CA PRO B 157 -36.39 5.50 -13.03
C PRO B 157 -35.62 6.51 -13.94
N ARG B 158 -35.21 7.66 -13.39
CA ARG B 158 -34.40 8.59 -14.21
C ARG B 158 -33.08 7.98 -14.67
N ILE B 159 -32.58 6.97 -13.96
CA ILE B 159 -31.32 6.36 -14.37
C ILE B 159 -31.44 5.72 -15.80
N VAL B 160 -32.66 5.37 -16.25
CA VAL B 160 -32.80 4.61 -17.52
C VAL B 160 -32.38 5.46 -18.77
N ASP B 161 -33.01 6.62 -18.96
CA ASP B 161 -32.60 7.61 -19.95
C ASP B 161 -31.16 8.07 -19.83
N ASP B 162 -30.70 8.28 -18.60
CA ASP B 162 -29.33 8.77 -18.47
C ASP B 162 -28.37 7.64 -18.93
N PHE B 163 -28.62 6.41 -18.51
CA PHE B 163 -27.84 5.31 -18.98
C PHE B 163 -27.91 5.17 -20.49
N CYS B 164 -29.08 5.34 -21.10
CA CYS B 164 -29.17 5.23 -22.59
C CYS B 164 -28.30 6.28 -23.30
N GLU B 165 -28.31 7.53 -22.79
CA GLU B 165 -27.48 8.58 -23.39
C GLU B 165 -25.97 8.29 -23.28
N TYR B 166 -25.56 7.73 -22.14
CA TYR B 166 -24.20 7.26 -21.94
C TYR B 166 -23.85 6.11 -22.89
N ALA B 167 -24.73 5.10 -22.99
CA ALA B 167 -24.53 4.00 -23.95
C ALA B 167 -24.34 4.51 -25.38
N GLU B 168 -25.20 5.42 -25.79
CA GLU B 168 -25.22 5.98 -27.17
C GLU B 168 -23.88 6.73 -27.44
N LEU B 169 -23.42 7.50 -26.44
CA LEU B 169 -22.09 8.16 -26.52
C LEU B 169 -20.98 7.11 -26.82
N CYS B 170 -21.00 5.99 -26.10
CA CYS B 170 -20.00 4.97 -26.27
C CYS B 170 -20.11 4.26 -27.65
N PHE B 171 -21.33 3.95 -28.07
CA PHE B 171 -21.51 3.31 -29.37
C PHE B 171 -21.00 4.27 -30.47
N TRP B 172 -21.34 5.55 -30.32
CA TRP B 172 -20.96 6.54 -31.27
C TRP B 172 -19.42 6.67 -31.33
N GLU B 173 -18.78 6.81 -30.19
CA GLU B 173 -17.33 7.00 -30.17
C GLU B 173 -16.52 5.73 -30.52
N PHE B 174 -16.99 4.56 -30.08
CA PHE B 174 -16.14 3.39 -30.08
C PHE B 174 -16.66 2.25 -30.97
N GLY B 175 -17.94 2.27 -31.33
CA GLY B 175 -18.60 1.10 -31.98
C GLY B 175 -18.08 0.79 -33.37
N ASP B 176 -17.35 1.75 -33.99
CA ASP B 176 -16.68 1.44 -35.27
C ASP B 176 -15.63 0.34 -35.05
N ARG B 177 -15.09 0.27 -33.83
CA ARG B 177 -14.06 -0.72 -33.52
CA ARG B 177 -14.05 -0.70 -33.52
C ARG B 177 -14.49 -1.76 -32.50
N VAL B 178 -15.31 -1.39 -31.52
CA VAL B 178 -15.83 -2.36 -30.50
C VAL B 178 -17.07 -3.10 -31.07
N LYS B 179 -16.97 -4.41 -31.22
CA LYS B 179 -18.08 -5.22 -31.79
C LYS B 179 -18.76 -6.14 -30.78
N HIS B 180 -18.32 -6.10 -29.52
CA HIS B 180 -18.91 -6.94 -28.50
C HIS B 180 -19.10 -6.05 -27.25
N TRP B 181 -20.37 -5.71 -26.98
CA TRP B 181 -20.74 -4.83 -25.84
C TRP B 181 -21.52 -5.60 -24.78
N MET B 182 -21.38 -5.18 -23.54
CA MET B 182 -22.28 -5.69 -22.49
C MET B 182 -22.79 -4.49 -21.74
N THR B 183 -24.09 -4.48 -21.45
CA THR B 183 -24.71 -3.29 -20.77
C THR B 183 -24.18 -3.29 -19.35
N LEU B 184 -24.40 -4.39 -18.66
CA LEU B 184 -24.18 -4.43 -17.20
C LEU B 184 -23.31 -5.67 -16.88
N ASN B 185 -22.48 -5.52 -15.86
CA ASN B 185 -21.89 -6.66 -15.20
C ASN B 185 -22.43 -6.90 -13.79
N GLU B 186 -22.76 -8.17 -13.53
CA GLU B 186 -23.35 -8.61 -12.26
C GLU B 186 -24.26 -7.58 -11.58
N PRO B 187 -25.40 -7.24 -12.23
CA PRO B 187 -26.36 -6.32 -11.55
C PRO B 187 -26.85 -6.95 -10.22
N TRP B 188 -26.91 -8.30 -10.19
CA TRP B 188 -27.25 -9.04 -8.96
C TRP B 188 -26.36 -8.57 -7.78
N THR B 189 -25.06 -8.64 -8.00
CA THR B 189 -24.10 -8.22 -6.95
C THR B 189 -24.30 -6.78 -6.63
N PHE B 190 -24.45 -5.95 -7.68
CA PHE B 190 -24.63 -4.52 -7.43
C PHE B 190 -25.86 -4.29 -6.54
N SER B 191 -26.96 -4.94 -6.89
CA SER B 191 -28.19 -4.72 -6.18
C SER B 191 -28.17 -5.25 -4.76
N VAL B 192 -27.72 -6.48 -4.63
CA VAL B 192 -27.78 -7.14 -3.31
C VAL B 192 -26.78 -6.53 -2.31
N HIS B 193 -25.53 -6.32 -2.73
CA HIS B 193 -24.56 -5.78 -1.76
C HIS B 193 -24.61 -4.26 -1.61
N GLY B 194 -25.17 -3.57 -2.61
CA GLY B 194 -25.38 -2.10 -2.47
C GLY B 194 -26.60 -1.73 -1.59
N TYR B 195 -27.63 -2.60 -1.62
CA TYR B 195 -28.98 -2.29 -1.13
C TYR B 195 -29.62 -3.32 -0.20
N ALA B 196 -29.09 -4.53 -0.14
CA ALA B 196 -29.59 -5.51 0.83
C ALA B 196 -28.56 -5.61 1.99
N THR B 197 -27.29 -5.93 1.70
CA THR B 197 -26.29 -6.08 2.80
C THR B 197 -25.62 -4.76 3.20
N GLY B 198 -25.69 -3.75 2.30
CA GLY B 198 -24.96 -2.47 2.47
C GLY B 198 -23.45 -2.61 2.56
N LEU B 199 -22.91 -3.73 2.03
CA LEU B 199 -21.44 -3.96 2.11
C LEU B 199 -20.69 -3.26 0.99
N TYR B 200 -21.38 -2.96 -0.10
CA TYR B 200 -20.75 -2.33 -1.25
C TYR B 200 -21.43 -0.97 -1.45
N ALA B 201 -20.83 -0.13 -2.31
CA ALA B 201 -21.40 1.21 -2.60
C ALA B 201 -22.76 0.98 -3.26
N PRO B 202 -23.79 1.79 -2.91
CA PRO B 202 -23.71 2.95 -1.98
C PRO B 202 -23.86 2.67 -0.48
N GLY B 203 -23.79 1.40 -0.05
CA GLY B 203 -23.73 1.12 1.38
C GLY B 203 -25.04 1.34 2.12
N ARG B 204 -26.14 0.91 1.48
CA ARG B 204 -27.51 1.03 2.02
CA ARG B 204 -27.48 1.04 2.07
C ARG B 204 -28.10 -0.34 2.41
N GLY B 205 -28.98 -0.34 3.40
CA GLY B 205 -29.76 -1.50 3.83
C GLY B 205 -29.28 -2.34 5.02
N ARG B 206 -28.05 -2.13 5.51
CA ARG B 206 -27.52 -2.95 6.64
C ARG B 206 -28.34 -2.79 7.91
N THR B 232 -30.54 5.18 6.26
CA THR B 232 -31.65 4.98 5.35
C THR B 232 -31.30 3.83 4.42
N GLY B 233 -32.33 3.30 3.78
CA GLY B 233 -32.19 2.07 3.07
C GLY B 233 -33.25 1.18 3.68
N ASN B 234 -33.50 0.09 3.00
CA ASN B 234 -34.52 -0.85 3.35
C ASN B 234 -34.24 -2.09 2.47
N PRO B 235 -33.65 -3.13 3.09
CA PRO B 235 -33.21 -4.31 2.30
C PRO B 235 -34.42 -5.14 1.74
N GLY B 236 -35.63 -4.77 2.17
CA GLY B 236 -36.86 -5.43 1.76
C GLY B 236 -37.49 -4.82 0.52
N THR B 237 -37.06 -3.61 0.15
CA THR B 237 -37.71 -2.90 -0.98
C THR B 237 -36.70 -2.39 -2.03
N GLU B 238 -35.61 -1.82 -1.56
CA GLU B 238 -34.67 -1.15 -2.47
C GLU B 238 -33.97 -2.12 -3.43
N PRO B 239 -33.56 -3.32 -2.94
CA PRO B 239 -32.94 -4.22 -3.94
C PRO B 239 -33.87 -4.49 -5.15
N TYR B 240 -35.17 -4.50 -4.91
CA TYR B 240 -36.09 -4.85 -5.99
C TYR B 240 -36.31 -3.68 -6.93
N TRP B 241 -36.35 -2.44 -6.39
CA TRP B 241 -36.38 -1.25 -7.25
C TRP B 241 -35.09 -1.09 -8.08
N VAL B 242 -33.95 -1.19 -7.40
CA VAL B 242 -32.68 -1.16 -8.09
C VAL B 242 -32.57 -2.20 -9.22
N THR B 243 -32.94 -3.45 -8.93
CA THR B 243 -32.86 -4.48 -9.98
C THR B 243 -33.83 -4.14 -11.15
N HIS B 244 -35.01 -3.64 -10.81
CA HIS B 244 -36.03 -3.31 -11.78
C HIS B 244 -35.48 -2.21 -12.72
N HIS B 245 -34.81 -1.21 -12.15
CA HIS B 245 -34.23 -0.12 -12.96
C HIS B 245 -32.99 -0.58 -13.77
N LEU B 246 -32.20 -1.51 -13.23
CA LEU B 246 -31.09 -2.12 -13.95
C LEU B 246 -31.61 -2.85 -15.19
N LEU B 247 -32.68 -3.59 -15.01
CA LEU B 247 -33.25 -4.32 -16.09
C LEU B 247 -33.79 -3.37 -17.15
N LEU B 248 -34.46 -2.30 -16.73
CA LEU B 248 -35.06 -1.35 -17.67
C LEU B 248 -33.91 -0.60 -18.38
N ALA B 249 -32.83 -0.31 -17.66
CA ALA B 249 -31.68 0.38 -18.30
C ALA B 249 -31.07 -0.53 -19.36
N HIS B 250 -30.81 -1.76 -18.96
CA HIS B 250 -30.28 -2.79 -19.90
C HIS B 250 -31.16 -2.85 -21.15
N ALA B 251 -32.48 -2.97 -20.97
CA ALA B 251 -33.38 -3.26 -22.12
C ALA B 251 -33.42 -2.03 -23.03
N ALA B 252 -33.48 -0.85 -22.38
CA ALA B 252 -33.49 0.37 -23.14
C ALA B 252 -32.17 0.55 -23.94
N ALA B 253 -31.00 0.25 -23.36
CA ALA B 253 -29.71 0.37 -24.08
C ALA B 253 -29.57 -0.64 -25.23
N VAL B 254 -30.11 -1.85 -25.02
CA VAL B 254 -30.10 -2.87 -26.09
C VAL B 254 -30.99 -2.42 -27.21
N GLU B 255 -32.17 -1.90 -26.89
CA GLU B 255 -33.04 -1.42 -27.95
C GLU B 255 -32.39 -0.24 -28.75
N LEU B 256 -31.76 0.69 -28.02
CA LEU B 256 -31.01 1.75 -28.66
C LEU B 256 -29.92 1.15 -29.64
N TYR B 257 -29.14 0.17 -29.17
CA TYR B 257 -28.08 -0.38 -29.98
C TYR B 257 -28.70 -1.07 -31.22
N LYS B 258 -29.76 -1.85 -31.00
CA LYS B 258 -30.32 -2.66 -32.09
C LYS B 258 -30.99 -1.76 -33.11
N ASN B 259 -31.69 -0.71 -32.66
CA ASN B 259 -32.43 0.17 -33.59
C ASN B 259 -31.55 1.25 -34.21
N LYS B 260 -30.51 1.68 -33.48
CA LYS B 260 -29.74 2.89 -33.88
C LYS B 260 -28.26 2.71 -34.33
N PHE B 261 -27.65 1.56 -34.01
CA PHE B 261 -26.22 1.31 -34.27
C PHE B 261 -25.91 -0.01 -34.94
N GLN B 262 -26.73 -1.04 -34.67
CA GLN B 262 -26.35 -2.40 -35.04
C GLN B 262 -26.24 -2.59 -36.56
N ARG B 263 -27.10 -1.97 -37.33
CA ARG B 263 -27.04 -2.13 -38.80
C ARG B 263 -25.74 -1.51 -39.37
N GLY B 264 -25.37 -0.30 -38.89
CA GLY B 264 -24.15 0.33 -39.37
C GLY B 264 -22.85 -0.26 -38.81
N GLN B 265 -22.88 -0.67 -37.53
CA GLN B 265 -21.65 -1.08 -36.84
C GLN B 265 -21.46 -2.62 -36.82
N GLU B 266 -22.56 -3.39 -37.01
CA GLU B 266 -22.48 -4.88 -37.06
C GLU B 266 -21.82 -5.51 -35.85
N GLY B 267 -22.02 -4.96 -34.66
CA GLY B 267 -21.54 -5.63 -33.45
C GLY B 267 -22.68 -6.39 -32.77
N GLN B 268 -22.46 -6.82 -31.54
CA GLN B 268 -23.43 -7.60 -30.77
C GLN B 268 -23.44 -7.06 -29.35
N ILE B 269 -24.57 -7.21 -28.69
CA ILE B 269 -24.68 -6.65 -27.34
C ILE B 269 -25.33 -7.66 -26.42
N GLY B 270 -24.82 -7.74 -25.22
CA GLY B 270 -25.35 -8.70 -24.23
C GLY B 270 -25.21 -8.14 -22.84
N ILE B 271 -25.08 -9.05 -21.88
CA ILE B 271 -25.06 -8.66 -20.48
C ILE B 271 -24.34 -9.77 -19.68
N SER B 272 -23.69 -9.41 -18.56
CA SER B 272 -23.04 -10.44 -17.75
C SER B 272 -23.68 -10.60 -16.38
N HIS B 273 -23.98 -11.85 -16.03
CA HIS B 273 -24.69 -12.15 -14.78
C HIS B 273 -23.85 -12.94 -13.78
N ALA B 274 -23.96 -12.57 -12.50
CA ALA B 274 -23.39 -13.35 -11.39
C ALA B 274 -24.14 -14.72 -11.30
N THR B 275 -23.37 -15.79 -11.16
CA THR B 275 -23.97 -17.08 -10.86
C THR B 275 -23.15 -17.74 -9.74
N GLN B 276 -23.78 -18.74 -9.12
CA GLN B 276 -23.15 -19.62 -8.16
C GLN B 276 -24.00 -20.88 -8.31
N TRP B 277 -23.37 -22.05 -8.44
CA TRP B 277 -24.13 -23.30 -8.54
C TRP B 277 -24.86 -23.64 -7.22
N MET B 278 -26.14 -23.98 -7.32
CA MET B 278 -26.93 -24.33 -6.14
C MET B 278 -27.33 -25.81 -6.26
N GLU B 279 -26.77 -26.64 -5.37
CA GLU B 279 -27.01 -28.08 -5.31
C GLU B 279 -27.93 -28.41 -4.13
N PRO B 280 -28.93 -29.32 -4.34
CA PRO B 280 -29.74 -29.70 -3.17
C PRO B 280 -28.85 -30.32 -2.09
N TRP B 281 -29.06 -29.95 -0.83
CA TRP B 281 -28.26 -30.49 0.26
C TRP B 281 -28.39 -32.02 0.32
N ASP B 282 -29.63 -32.49 0.24
CA ASP B 282 -29.90 -33.91 0.18
C ASP B 282 -30.50 -34.12 -1.21
N GLU B 283 -29.70 -34.67 -2.11
CA GLU B 283 -30.12 -35.06 -3.45
C GLU B 283 -31.50 -35.73 -3.61
N ASN B 284 -31.90 -36.55 -2.62
CA ASN B 284 -33.19 -37.23 -2.63
C ASN B 284 -34.36 -36.47 -2.05
N SER B 285 -34.16 -35.24 -1.56
CA SER B 285 -35.24 -34.49 -0.85
C SER B 285 -35.93 -33.53 -1.82
N ALA B 286 -37.17 -33.85 -2.22
CA ALA B 286 -38.00 -32.98 -3.07
C ALA B 286 -37.95 -31.50 -2.62
N SER B 287 -38.03 -31.32 -1.30
CA SER B 287 -37.91 -30.04 -0.64
C SER B 287 -36.57 -29.29 -0.91
N ASP B 288 -35.44 -30.00 -0.83
CA ASP B 288 -34.12 -29.40 -1.06
C ASP B 288 -33.94 -29.09 -2.54
N VAL B 289 -34.51 -29.91 -3.43
CA VAL B 289 -34.40 -29.61 -4.86
C VAL B 289 -35.20 -28.36 -5.22
N GLU B 290 -36.35 -28.19 -4.59
CA GLU B 290 -37.13 -26.99 -4.82
C GLU B 290 -36.41 -25.76 -4.25
N ALA B 291 -35.80 -25.92 -3.08
CA ALA B 291 -35.03 -24.84 -2.46
C ALA B 291 -33.83 -24.37 -3.33
N ALA B 292 -33.12 -25.29 -3.95
CA ALA B 292 -31.99 -24.97 -4.79
C ALA B 292 -32.45 -24.26 -6.06
N ALA B 293 -33.58 -24.71 -6.64
CA ALA B 293 -34.17 -24.06 -7.81
C ALA B 293 -34.60 -22.62 -7.43
N ARG B 294 -35.16 -22.45 -6.23
CA ARG B 294 -35.57 -21.15 -5.77
C ARG B 294 -34.36 -20.22 -5.57
N ALA B 295 -33.27 -20.77 -5.07
CA ALA B 295 -32.05 -19.96 -4.90
C ALA B 295 -31.46 -19.57 -6.26
N LEU B 296 -31.62 -20.45 -7.25
CA LEU B 296 -31.28 -20.10 -8.64
C LEU B 296 -32.24 -19.03 -9.19
N ASP B 297 -33.54 -19.18 -8.93
CA ASP B 297 -34.50 -18.15 -9.34
C ASP B 297 -34.11 -16.76 -8.69
N PHE B 298 -33.81 -16.71 -7.40
CA PHE B 298 -33.52 -15.44 -6.73
C PHE B 298 -32.19 -14.76 -7.15
N MET B 299 -31.26 -15.53 -7.66
CA MET B 299 -29.96 -14.99 -8.02
C MET B 299 -29.85 -14.76 -9.54
N LEU B 300 -30.07 -15.83 -10.30
CA LEU B 300 -29.96 -15.74 -11.76
C LEU B 300 -31.34 -15.42 -12.43
N GLY B 301 -32.40 -16.16 -12.03
CA GLY B 301 -33.73 -15.96 -12.59
C GLY B 301 -34.26 -14.53 -12.48
N TRP B 302 -33.90 -13.86 -11.38
CA TRP B 302 -34.25 -12.49 -11.15
C TRP B 302 -33.97 -11.62 -12.38
N PHE B 303 -32.84 -11.86 -13.04
CA PHE B 303 -32.40 -11.12 -14.22
C PHE B 303 -32.69 -11.88 -15.50
N MET B 304 -32.56 -13.22 -15.48
CA MET B 304 -32.76 -14.02 -16.68
C MET B 304 -34.23 -14.19 -17.13
N GLU B 305 -35.17 -14.35 -16.18
CA GLU B 305 -36.57 -14.55 -16.62
C GLU B 305 -37.08 -13.28 -17.34
N PRO B 306 -36.80 -12.09 -16.77
CA PRO B 306 -37.27 -10.92 -17.53
C PRO B 306 -36.78 -10.83 -19.01
N ILE B 307 -35.55 -11.25 -19.29
CA ILE B 307 -35.06 -11.15 -20.64
C ILE B 307 -35.43 -12.36 -21.47
N THR B 308 -36.14 -13.31 -20.84
CA THR B 308 -36.68 -14.49 -21.53
C THR B 308 -38.16 -14.33 -21.84
N SER B 309 -38.98 -13.97 -20.84
CA SER B 309 -40.42 -14.05 -21.03
C SER B 309 -40.96 -12.66 -20.67
N GLY B 310 -40.05 -11.77 -20.27
CA GLY B 310 -40.45 -10.43 -19.92
C GLY B 310 -41.18 -10.34 -18.58
N ASP B 311 -41.02 -11.35 -17.71
CA ASP B 311 -41.49 -11.26 -16.34
C ASP B 311 -40.46 -11.89 -15.38
N TYR B 312 -40.65 -11.64 -14.06
CA TYR B 312 -39.83 -12.24 -13.01
C TYR B 312 -40.22 -13.71 -12.79
N PRO B 313 -39.33 -14.51 -12.14
CA PRO B 313 -39.67 -15.90 -11.86
C PRO B 313 -40.91 -15.96 -10.97
N LYS B 314 -41.73 -17.02 -11.20
CA LYS B 314 -42.90 -17.29 -10.41
C LYS B 314 -42.61 -17.31 -8.89
N SER B 315 -41.51 -17.98 -8.48
CA SER B 315 -41.18 -18.13 -7.06
C SER B 315 -40.91 -16.72 -6.42
N MET B 316 -40.35 -15.82 -7.23
CA MET B 316 -40.11 -14.45 -6.75
C MET B 316 -41.41 -13.70 -6.61
N LYS B 317 -42.30 -13.81 -7.61
CA LYS B 317 -43.58 -13.13 -7.44
C LYS B 317 -44.33 -13.66 -6.22
N LYS B 318 -44.17 -14.96 -5.95
CA LYS B 318 -44.88 -15.56 -4.83
C LYS B 318 -44.31 -15.06 -3.48
N PHE B 319 -42.98 -15.10 -3.32
CA PHE B 319 -42.38 -14.83 -2.02
C PHE B 319 -42.13 -13.33 -1.78
N VAL B 320 -42.01 -12.55 -2.86
CA VAL B 320 -41.78 -11.10 -2.72
C VAL B 320 -43.10 -10.32 -2.68
N GLY B 321 -44.14 -10.85 -3.34
CA GLY B 321 -45.49 -10.25 -3.30
C GLY B 321 -45.53 -8.80 -3.83
N SER B 322 -46.25 -7.93 -3.14
CA SER B 322 -46.45 -6.56 -3.56
C SER B 322 -45.15 -5.74 -3.52
N ARG B 323 -44.06 -6.32 -2.99
CA ARG B 323 -42.81 -5.59 -2.96
C ARG B 323 -42.01 -5.79 -4.27
N LEU B 324 -42.52 -6.63 -5.18
CA LEU B 324 -41.82 -6.81 -6.46
C LEU B 324 -42.53 -5.94 -7.52
N PRO B 325 -41.79 -4.99 -8.14
CA PRO B 325 -42.43 -4.08 -9.14
C PRO B 325 -42.94 -4.87 -10.34
N LYS B 326 -43.91 -4.29 -11.03
CA LYS B 326 -44.48 -4.91 -12.23
C LYS B 326 -44.01 -4.18 -13.47
N PHE B 327 -43.74 -4.94 -14.52
CA PHE B 327 -43.41 -4.34 -15.79
C PHE B 327 -44.70 -3.98 -16.49
N SER B 328 -44.70 -2.89 -17.27
CA SER B 328 -45.85 -2.59 -18.14
C SER B 328 -45.73 -3.52 -19.34
N PRO B 329 -46.81 -3.67 -20.13
CA PRO B 329 -46.62 -4.52 -21.30
C PRO B 329 -45.54 -4.02 -22.30
N GLU B 330 -45.32 -2.70 -22.43
CA GLU B 330 -44.27 -2.18 -23.36
C GLU B 330 -42.90 -2.58 -22.82
N GLN B 331 -42.73 -2.46 -21.49
CA GLN B 331 -41.44 -2.78 -20.86
C GLN B 331 -41.12 -4.27 -21.03
N SER B 332 -42.14 -5.14 -20.88
CA SER B 332 -41.98 -6.57 -21.07
C SER B 332 -41.59 -6.93 -22.49
N LYS B 333 -42.26 -6.30 -23.46
CA LYS B 333 -41.87 -6.47 -24.85
C LYS B 333 -40.42 -5.98 -25.13
N MET B 334 -40.03 -4.85 -24.56
CA MET B 334 -38.67 -4.40 -24.73
C MET B 334 -37.64 -5.40 -24.08
N LEU B 335 -37.99 -6.00 -22.93
CA LEU B 335 -37.08 -6.86 -22.17
C LEU B 335 -36.91 -8.26 -22.78
N LYS B 336 -37.98 -8.76 -23.38
CA LYS B 336 -37.97 -10.16 -23.85
C LYS B 336 -37.06 -10.30 -25.09
N GLY B 337 -36.09 -11.22 -25.05
CA GLY B 337 -35.11 -11.39 -26.14
C GLY B 337 -34.10 -10.25 -26.25
N SER B 338 -33.91 -9.45 -25.18
CA SER B 338 -33.02 -8.28 -25.26
C SER B 338 -31.51 -8.56 -25.09
N TYR B 339 -30.98 -9.43 -25.94
CA TYR B 339 -29.54 -9.70 -25.95
C TYR B 339 -29.19 -10.40 -27.23
N ASP B 340 -27.92 -10.27 -27.64
CA ASP B 340 -27.35 -11.16 -28.67
C ASP B 340 -26.60 -12.35 -28.08
N PHE B 341 -26.14 -12.19 -26.84
CA PHE B 341 -25.45 -13.21 -26.05
C PHE B 341 -25.60 -12.87 -24.54
N VAL B 342 -25.38 -13.87 -23.69
CA VAL B 342 -25.38 -13.68 -22.27
C VAL B 342 -24.02 -14.12 -21.78
N GLY B 343 -23.41 -13.29 -20.93
CA GLY B 343 -22.18 -13.70 -20.27
C GLY B 343 -22.47 -14.23 -18.88
N LEU B 344 -21.81 -15.34 -18.48
CA LEU B 344 -21.96 -15.83 -17.10
C LEU B 344 -20.66 -15.72 -16.31
N ASN B 345 -20.78 -15.32 -15.07
CA ASN B 345 -19.64 -15.20 -14.15
C ASN B 345 -19.81 -16.31 -13.10
N TYR B 346 -18.80 -17.15 -12.93
CA TYR B 346 -18.92 -18.29 -12.02
C TYR B 346 -17.66 -18.47 -11.19
N TYR B 347 -17.85 -18.65 -9.89
CA TYR B 347 -16.72 -18.91 -8.99
C TYR B 347 -16.86 -20.19 -8.17
N THR B 348 -18.07 -20.42 -7.70
CA THR B 348 -18.27 -21.31 -6.57
C THR B 348 -19.70 -21.91 -6.53
N ALA B 349 -19.99 -22.65 -5.47
CA ALA B 349 -21.21 -23.40 -5.37
C ALA B 349 -21.52 -23.57 -3.89
N SER B 350 -22.78 -23.96 -3.60
CA SER B 350 -23.27 -24.13 -2.27
C SER B 350 -24.33 -25.23 -2.31
N TYR B 351 -24.51 -25.92 -1.18
CA TYR B 351 -25.68 -26.73 -0.95
C TYR B 351 -26.78 -25.80 -0.46
N VAL B 352 -28.03 -26.21 -0.71
CA VAL B 352 -29.19 -25.41 -0.38
C VAL B 352 -30.27 -26.28 0.31
N THR B 353 -30.89 -25.74 1.36
CA THR B 353 -32.01 -26.42 2.01
C THR B 353 -33.09 -25.36 2.28
N ASN B 354 -34.33 -25.80 2.50
CA ASN B 354 -35.43 -24.88 2.80
C ASN B 354 -35.09 -24.09 4.08
N ALA B 355 -35.53 -22.83 4.17
CA ALA B 355 -35.33 -22.04 5.40
C ALA B 355 -36.24 -22.59 6.49
N SER B 356 -35.96 -22.24 7.73
CA SER B 356 -36.94 -22.52 8.79
C SER B 356 -37.34 -21.21 9.45
N ASN B 364 -39.54 -7.68 9.91
CA ASN B 364 -38.99 -6.86 8.84
C ASN B 364 -38.64 -7.59 7.57
N PHE B 365 -38.99 -7.02 6.41
CA PHE B 365 -38.70 -7.70 5.17
C PHE B 365 -37.25 -7.47 4.72
N SER B 366 -36.72 -8.45 4.00
CA SER B 366 -35.38 -8.41 3.49
C SER B 366 -35.24 -9.36 2.31
N TYR B 367 -34.57 -8.91 1.26
CA TYR B 367 -34.18 -9.78 0.15
C TYR B 367 -33.69 -11.16 0.63
N ASN B 368 -32.78 -11.17 1.60
CA ASN B 368 -32.12 -12.43 2.00
C ASN B 368 -33.11 -13.39 2.58
N THR B 369 -34.00 -12.91 3.44
CA THR B 369 -35.02 -13.78 4.02
C THR B 369 -36.17 -14.11 3.03
N ASP B 370 -36.41 -13.28 2.03
CA ASP B 370 -37.40 -13.61 0.98
C ASP B 370 -37.07 -14.88 0.20
N ILE B 371 -35.79 -15.18 -0.04
CA ILE B 371 -35.39 -16.42 -0.77
C ILE B 371 -35.89 -17.69 -0.07
N HIS B 372 -36.04 -17.60 1.25
CA HIS B 372 -36.46 -18.74 2.07
C HIS B 372 -35.64 -20.00 1.88
N VAL B 373 -34.32 -19.82 1.87
CA VAL B 373 -33.39 -20.94 1.81
C VAL B 373 -32.33 -20.80 2.88
N THR B 374 -31.71 -21.92 3.23
CA THR B 374 -30.48 -21.92 4.05
C THR B 374 -29.35 -22.53 3.23
N TYR B 375 -28.23 -21.80 3.12
CA TYR B 375 -27.02 -22.36 2.43
C TYR B 375 -26.17 -23.23 3.34
N GLU B 376 -25.73 -24.35 2.81
CA GLU B 376 -24.89 -25.25 3.58
C GLU B 376 -23.62 -25.51 2.81
N THR B 377 -22.48 -25.62 3.50
CA THR B 377 -21.24 -25.81 2.76
C THR B 377 -20.87 -27.30 2.83
N ASP B 378 -21.35 -28.04 3.84
CA ASP B 378 -20.88 -29.42 4.11
C ASP B 378 -21.99 -30.45 4.05
N ARG B 379 -21.67 -31.65 3.53
CA ARG B 379 -22.43 -32.88 3.74
C ARG B 379 -21.65 -33.80 4.68
N ASN B 380 -22.16 -34.05 5.88
CA ASN B 380 -21.43 -34.90 6.85
C ASN B 380 -19.99 -34.49 7.04
N GLY B 381 -19.73 -33.22 7.35
CA GLY B 381 -18.37 -32.72 7.53
C GLY B 381 -17.51 -32.70 6.27
N VAL B 382 -18.06 -33.05 5.10
CA VAL B 382 -17.34 -32.93 3.81
C VAL B 382 -17.77 -31.69 3.01
N PRO B 383 -16.90 -30.64 2.99
CA PRO B 383 -17.28 -29.45 2.22
C PRO B 383 -17.53 -29.78 0.74
N ILE B 384 -18.40 -29.02 0.09
CA ILE B 384 -18.63 -29.12 -1.34
C ILE B 384 -17.32 -28.98 -2.14
N GLY B 385 -16.36 -28.21 -1.62
CA GLY B 385 -15.04 -28.14 -2.19
C GLY B 385 -14.06 -27.44 -1.26
N PRO B 386 -12.75 -27.53 -1.54
CA PRO B 386 -11.77 -26.82 -0.68
C PRO B 386 -11.83 -25.28 -0.86
N GLN B 387 -11.41 -24.55 0.15
CA GLN B 387 -11.42 -23.10 0.10
C GLN B 387 -10.30 -22.55 -0.76
N SER B 388 -10.50 -21.43 -1.43
CA SER B 388 -9.38 -20.74 -2.08
C SER B 388 -8.67 -19.93 -0.96
N GLY B 389 -8.07 -18.80 -1.30
CA GLY B 389 -7.59 -17.85 -0.29
C GLY B 389 -8.74 -17.15 0.42
N SER B 390 -9.97 -17.30 -0.11
CA SER B 390 -11.21 -16.77 0.52
C SER B 390 -12.12 -17.87 1.11
N ASP B 391 -12.65 -17.64 2.32
CA ASP B 391 -13.40 -18.70 2.92
C ASP B 391 -14.75 -18.93 2.23
N TRP B 392 -15.26 -17.95 1.48
CA TRP B 392 -16.51 -18.11 0.76
C TRP B 392 -16.32 -18.82 -0.60
N LEU B 393 -15.08 -18.97 -1.08
CA LEU B 393 -14.92 -19.48 -2.43
C LEU B 393 -14.54 -20.93 -2.29
N LEU B 394 -15.52 -21.81 -2.49
CA LEU B 394 -15.23 -23.25 -2.39
C LEU B 394 -15.08 -23.78 -3.82
N ILE B 395 -14.06 -24.57 -4.04
CA ILE B 395 -13.67 -24.90 -5.42
C ILE B 395 -14.47 -26.11 -5.92
N TYR B 396 -15.35 -25.88 -6.90
CA TYR B 396 -16.31 -26.92 -7.34
C TYR B 396 -16.39 -26.84 -8.86
N PRO B 397 -15.38 -27.41 -9.57
CA PRO B 397 -15.32 -27.19 -11.04
C PRO B 397 -16.57 -27.65 -11.81
N GLU B 398 -17.21 -28.73 -11.39
CA GLU B 398 -18.47 -29.20 -11.99
C GLU B 398 -19.59 -28.15 -11.93
N GLY B 399 -19.51 -27.21 -10.99
CA GLY B 399 -20.53 -26.16 -10.91
C GLY B 399 -20.68 -25.33 -12.17
N ILE B 400 -19.55 -25.10 -12.88
CA ILE B 400 -19.57 -24.30 -14.09
C ILE B 400 -20.25 -25.06 -15.22
N ARG B 401 -20.05 -26.38 -15.23
CA ARG B 401 -20.77 -27.23 -16.19
C ARG B 401 -22.26 -27.18 -15.90
N LYS B 402 -22.65 -27.39 -14.65
CA LYS B 402 -24.07 -27.38 -14.24
C LYS B 402 -24.79 -26.02 -14.49
N ILE B 403 -24.14 -24.89 -14.14
CA ILE B 403 -24.70 -23.57 -14.41
C ILE B 403 -24.90 -23.31 -15.91
N LEU B 404 -23.94 -23.75 -16.74
CA LEU B 404 -24.11 -23.60 -18.18
C LEU B 404 -25.30 -24.45 -18.73
N VAL B 405 -25.40 -25.70 -18.29
CA VAL B 405 -26.48 -26.64 -18.69
C VAL B 405 -27.84 -26.09 -18.20
N TYR B 406 -27.87 -25.74 -16.93
CA TYR B 406 -29.04 -25.07 -16.34
C TYR B 406 -29.50 -23.83 -17.14
N THR B 407 -28.57 -22.96 -17.50
CA THR B 407 -28.92 -21.72 -18.21
C THR B 407 -29.53 -22.02 -19.61
N LYS B 408 -28.97 -22.99 -20.36
CA LYS B 408 -29.53 -23.29 -21.66
C LYS B 408 -30.90 -23.98 -21.51
N LYS B 409 -30.99 -24.92 -20.57
CA LYS B 409 -32.26 -25.63 -20.36
C LYS B 409 -33.39 -24.67 -19.89
N THR B 410 -33.10 -23.78 -18.94
CA THR B 410 -34.13 -22.99 -18.29
C THR B 410 -34.50 -21.74 -19.13
N TYR B 411 -33.50 -21.10 -19.74
CA TYR B 411 -33.69 -19.83 -20.45
C TYR B 411 -33.44 -19.91 -21.95
N ASN B 412 -33.02 -21.09 -22.40
CA ASN B 412 -32.81 -21.28 -23.84
C ASN B 412 -31.96 -20.23 -24.59
N VAL B 413 -30.86 -19.82 -23.96
CA VAL B 413 -29.97 -18.81 -24.49
C VAL B 413 -29.17 -19.33 -25.68
N PRO B 414 -29.21 -18.63 -26.85
CA PRO B 414 -28.58 -19.40 -27.98
C PRO B 414 -27.04 -19.25 -28.01
N LEU B 415 -26.50 -18.19 -27.42
CA LEU B 415 -25.07 -17.93 -27.45
C LEU B 415 -24.60 -17.44 -26.05
N ILE B 416 -23.65 -18.17 -25.46
CA ILE B 416 -23.17 -17.85 -24.11
C ILE B 416 -21.64 -17.68 -24.09
N TYR B 417 -21.16 -16.71 -23.33
CA TYR B 417 -19.77 -16.62 -22.98
C TYR B 417 -19.67 -16.84 -21.49
N VAL B 418 -18.60 -17.47 -21.02
CA VAL B 418 -18.19 -17.34 -19.63
C VAL B 418 -17.37 -16.05 -19.59
N THR B 419 -17.93 -15.01 -18.99
CA THR B 419 -17.26 -13.73 -18.96
C THR B 419 -16.38 -13.56 -17.72
N GLU B 420 -16.55 -14.43 -16.71
CA GLU B 420 -15.63 -14.45 -15.57
C GLU B 420 -15.54 -15.84 -14.95
N ASN B 421 -14.33 -16.25 -14.59
CA ASN B 421 -14.07 -17.46 -13.83
C ASN B 421 -12.63 -17.32 -13.34
N GLY B 422 -12.40 -17.51 -12.03
CA GLY B 422 -11.05 -17.46 -11.55
C GLY B 422 -11.02 -17.62 -10.06
N VAL B 423 -9.86 -17.44 -9.42
CA VAL B 423 -9.70 -17.84 -8.02
C VAL B 423 -8.62 -16.94 -7.40
N ASP B 424 -8.60 -16.79 -6.09
CA ASP B 424 -7.72 -15.79 -5.45
C ASP B 424 -6.66 -16.52 -4.64
N ASP B 425 -5.48 -15.91 -4.53
CA ASP B 425 -4.34 -16.52 -3.85
C ASP B 425 -4.53 -16.44 -2.34
N VAL B 426 -3.91 -17.38 -1.63
CA VAL B 426 -3.87 -17.39 -0.17
C VAL B 426 -3.12 -16.07 0.22
N LYS B 427 -3.64 -15.32 1.20
CA LYS B 427 -2.97 -14.05 1.66
C LYS B 427 -1.61 -14.38 2.32
N ASN B 428 -0.50 -13.78 1.89
CA ASN B 428 0.84 -14.11 2.50
C ASN B 428 1.83 -13.11 2.02
N THR B 429 1.89 -11.98 2.74
CA THR B 429 2.88 -10.96 2.47
C THR B 429 4.33 -11.40 2.73
N ASN B 430 4.55 -12.63 3.19
CA ASN B 430 5.88 -13.16 3.48
C ASN B 430 6.61 -13.71 2.25
N LEU B 431 5.93 -13.90 1.13
CA LEU B 431 6.54 -14.59 0.01
C LEU B 431 7.28 -13.62 -0.91
N THR B 432 8.44 -14.02 -1.41
CA THR B 432 9.06 -13.33 -2.52
C THR B 432 8.21 -13.56 -3.79
N LEU B 433 8.47 -12.75 -4.82
CA LEU B 433 7.79 -12.87 -6.10
C LEU B 433 7.97 -14.29 -6.72
N SER B 434 9.18 -14.87 -6.67
CA SER B 434 9.45 -16.23 -7.11
C SER B 434 8.45 -17.20 -6.53
N GLU B 435 8.23 -17.10 -5.22
CA GLU B 435 7.32 -18.03 -4.54
C GLU B 435 5.91 -17.64 -4.84
N ALA B 436 5.62 -16.34 -4.82
CA ALA B 436 4.24 -15.88 -5.00
C ALA B 436 3.69 -16.20 -6.37
N ARG B 437 4.54 -16.28 -7.37
CA ARG B 437 4.00 -16.40 -8.71
C ARG B 437 3.76 -17.89 -9.03
N LYS B 438 4.12 -18.80 -8.11
CA LYS B 438 3.86 -20.22 -8.41
C LYS B 438 2.41 -20.54 -7.99
N ASP B 439 1.45 -20.16 -8.82
CA ASP B 439 0.02 -20.24 -8.43
C ASP B 439 -0.63 -21.56 -8.92
N SER B 440 -0.15 -22.66 -8.31
CA SER B 440 -0.62 -23.94 -8.78
C SER B 440 -2.08 -24.23 -8.45
N MET B 441 -2.59 -23.69 -7.36
CA MET B 441 -4.02 -23.75 -7.10
C MET B 441 -4.84 -23.05 -8.24
N ARG B 442 -4.47 -21.82 -8.63
CA ARG B 442 -5.09 -21.17 -9.78
C ARG B 442 -4.93 -22.00 -11.06
N LEU B 443 -3.72 -22.47 -11.35
CA LEU B 443 -3.47 -23.26 -12.54
C LEU B 443 -4.45 -24.45 -12.60
N LYS B 444 -4.59 -25.17 -11.47
CA LYS B 444 -5.49 -26.32 -11.45
C LYS B 444 -6.95 -25.88 -11.61
N TYR B 445 -7.31 -24.80 -10.93
CA TYR B 445 -8.65 -24.21 -10.97
C TYR B 445 -9.08 -23.85 -12.39
N LEU B 446 -8.20 -23.14 -13.10
CA LEU B 446 -8.49 -22.78 -14.48
C LEU B 446 -8.63 -24.03 -15.38
N GLN B 447 -7.70 -24.97 -15.24
CA GLN B 447 -7.75 -26.22 -16.05
C GLN B 447 -9.05 -26.93 -15.84
N ASP B 448 -9.41 -27.11 -14.57
CA ASP B 448 -10.61 -27.91 -14.22
C ASP B 448 -11.91 -27.23 -14.71
N HIS B 449 -11.97 -25.90 -14.58
CA HIS B 449 -13.15 -25.16 -15.03
C HIS B 449 -13.24 -25.11 -16.53
N ILE B 450 -12.10 -24.85 -17.20
CA ILE B 450 -12.10 -24.89 -18.67
C ILE B 450 -12.51 -26.29 -19.18
N PHE B 451 -12.05 -27.34 -18.51
CA PHE B 451 -12.38 -28.71 -18.89
C PHE B 451 -13.88 -28.85 -18.81
N ASN B 452 -14.45 -28.29 -17.73
CA ASN B 452 -15.89 -28.37 -17.46
C ASN B 452 -16.72 -27.56 -18.43
N VAL B 453 -16.22 -26.40 -18.84
CA VAL B 453 -16.84 -25.68 -19.94
C VAL B 453 -16.89 -26.56 -21.23
N ARG B 454 -15.79 -27.24 -21.54
CA ARG B 454 -15.76 -28.11 -22.72
C ARG B 454 -16.79 -29.24 -22.53
N GLN B 455 -16.96 -29.72 -21.30
CA GLN B 455 -18.00 -30.75 -21.03
C GLN B 455 -19.42 -30.17 -21.30
N ALA B 456 -19.67 -28.92 -20.88
CA ALA B 456 -20.96 -28.30 -21.14
C ALA B 456 -21.27 -28.18 -22.65
N MET B 457 -20.23 -27.89 -23.43
CA MET B 457 -20.36 -27.76 -24.86
C MET B 457 -20.68 -29.14 -25.44
N ASN B 458 -20.04 -30.20 -24.97
CA ASN B 458 -20.48 -31.58 -25.37
C ASN B 458 -21.93 -31.83 -24.96
N ASP B 459 -22.40 -31.25 -23.85
CA ASP B 459 -23.81 -31.44 -23.44
C ASP B 459 -24.77 -30.69 -24.39
N GLY B 460 -24.27 -29.81 -25.24
CA GLY B 460 -25.16 -29.06 -26.14
C GLY B 460 -25.17 -27.56 -25.87
N VAL B 461 -24.37 -27.09 -24.93
CA VAL B 461 -24.40 -25.67 -24.64
C VAL B 461 -23.51 -24.91 -25.67
N ASN B 462 -24.04 -23.84 -26.26
CA ASN B 462 -23.34 -23.12 -27.29
C ASN B 462 -22.48 -22.03 -26.68
N VAL B 463 -21.36 -22.44 -26.08
CA VAL B 463 -20.41 -21.49 -25.45
C VAL B 463 -19.41 -20.97 -26.50
N LYS B 464 -19.31 -19.68 -26.63
CA LYS B 464 -18.49 -19.09 -27.68
C LYS B 464 -17.14 -18.54 -27.16
N GLY B 465 -16.94 -18.55 -25.85
CA GLY B 465 -15.67 -18.06 -25.35
C GLY B 465 -15.65 -18.10 -23.84
N TYR B 466 -14.49 -17.77 -23.27
CA TYR B 466 -14.22 -17.94 -21.85
C TYR B 466 -13.22 -16.89 -21.47
N PHE B 467 -13.53 -16.13 -20.40
CA PHE B 467 -12.67 -15.10 -19.93
C PHE B 467 -12.23 -15.36 -18.48
N ALA B 468 -10.91 -15.46 -18.23
CA ALA B 468 -10.44 -15.65 -16.88
C ALA B 468 -10.61 -14.32 -16.16
N TRP B 469 -11.03 -14.38 -14.90
CA TRP B 469 -10.93 -13.22 -14.03
C TRP B 469 -9.78 -13.55 -13.07
N SER B 470 -8.74 -12.69 -12.95
CA SER B 470 -8.62 -11.40 -13.72
C SER B 470 -7.27 -11.33 -14.43
N LEU B 471 -7.08 -10.36 -15.34
CA LEU B 471 -5.76 -10.23 -15.95
C LEU B 471 -4.74 -9.88 -14.86
N LEU B 472 -5.06 -8.88 -14.03
CA LEU B 472 -4.13 -8.32 -13.05
C LEU B 472 -4.69 -8.49 -11.64
N ASP B 473 -3.82 -8.75 -10.68
CA ASP B 473 -4.24 -8.49 -9.32
C ASP B 473 -4.77 -7.08 -9.28
N ASN B 474 -5.88 -6.86 -8.57
CA ASN B 474 -6.46 -5.51 -8.52
C ASN B 474 -7.23 -5.20 -7.22
N PHE B 475 -7.97 -4.08 -7.20
CA PHE B 475 -8.79 -3.71 -6.07
C PHE B 475 -10.06 -4.61 -5.99
N GLU B 476 -10.14 -5.46 -4.98
CA GLU B 476 -11.21 -6.45 -4.92
C GLU B 476 -12.30 -5.92 -3.93
N TRP B 477 -12.82 -4.74 -4.26
CA TRP B 477 -13.96 -4.14 -3.56
C TRP B 477 -13.77 -4.01 -2.04
N GLY B 478 -14.72 -4.52 -1.23
CA GLY B 478 -14.67 -4.53 0.27
C GLY B 478 -13.45 -5.22 0.83
N GLU B 479 -12.84 -6.12 0.03
CA GLU B 479 -11.61 -6.84 0.47
C GLU B 479 -10.33 -6.05 0.20
N GLY B 480 -10.40 -4.95 -0.55
CA GLY B 480 -9.19 -4.15 -0.88
C GLY B 480 -8.20 -4.89 -1.80
N TYR B 481 -6.91 -4.67 -1.59
CA TYR B 481 -5.84 -5.29 -2.42
C TYR B 481 -5.33 -6.70 -2.01
N GLY B 482 -5.72 -7.19 -0.82
CA GLY B 482 -5.18 -8.44 -0.22
C GLY B 482 -5.63 -9.67 -0.97
N VAL B 483 -6.66 -9.52 -1.79
CA VAL B 483 -7.29 -10.64 -2.48
C VAL B 483 -6.87 -10.56 -3.96
N ARG B 484 -5.91 -11.43 -4.29
CA ARG B 484 -5.23 -11.37 -5.59
C ARG B 484 -5.90 -12.38 -6.53
N PHE B 485 -6.60 -11.87 -7.55
CA PHE B 485 -7.25 -12.77 -8.57
C PHE B 485 -6.47 -12.88 -9.87
N GLY B 486 -5.39 -12.10 -9.98
CA GLY B 486 -4.70 -11.92 -11.29
C GLY B 486 -4.03 -13.18 -11.80
N ILE B 487 -4.02 -13.40 -13.12
CA ILE B 487 -3.02 -14.31 -13.69
C ILE B 487 -1.67 -13.59 -13.82
N ILE B 488 -1.67 -12.26 -13.63
CA ILE B 488 -0.45 -11.42 -13.62
C ILE B 488 -0.31 -10.85 -12.21
N HIS B 489 0.84 -11.07 -11.58
CA HIS B 489 1.09 -10.61 -10.23
C HIS B 489 1.37 -9.11 -10.28
N ILE B 490 0.98 -8.37 -9.23
CA ILE B 490 1.22 -6.93 -9.12
C ILE B 490 2.11 -6.66 -7.90
N ASP B 491 3.20 -5.94 -8.11
CA ASP B 491 4.04 -5.60 -7.01
C ASP B 491 3.60 -4.24 -6.44
N TYR B 492 2.79 -4.27 -5.38
CA TYR B 492 2.25 -3.03 -4.79
C TYR B 492 3.33 -2.19 -4.13
N ASN B 493 4.52 -2.76 -3.90
CA ASN B 493 5.61 -2.00 -3.28
C ASN B 493 6.38 -1.17 -4.29
N ASP B 494 6.15 -1.46 -5.56
CA ASP B 494 7.07 -0.97 -6.62
C ASP B 494 6.32 -0.65 -7.93
N ASN B 495 5.53 0.43 -7.84
CA ASN B 495 4.85 1.00 -8.98
C ASN B 495 3.97 -0.05 -9.73
N PHE B 496 3.44 -1.04 -8.99
CA PHE B 496 2.42 -1.96 -9.55
C PHE B 496 3.07 -2.77 -10.69
N ALA B 497 4.36 -3.11 -10.53
CA ALA B 497 5.09 -3.85 -11.58
C ALA B 497 4.35 -5.17 -11.80
N ARG B 498 4.15 -5.48 -13.08
CA ARG B 498 3.43 -6.67 -13.54
C ARG B 498 4.45 -7.80 -13.79
N TYR B 499 4.10 -9.01 -13.37
CA TYR B 499 4.90 -10.16 -13.70
C TYR B 499 3.97 -11.38 -13.86
N PRO B 500 4.08 -12.13 -14.99
CA PRO B 500 3.14 -13.26 -15.20
C PRO B 500 3.30 -14.34 -14.17
N LYS B 501 2.20 -14.84 -13.65
CA LYS B 501 2.23 -16.03 -12.78
C LYS B 501 2.35 -17.30 -13.64
N ASP B 502 2.64 -18.43 -12.98
CA ASP B 502 2.67 -19.73 -13.71
C ASP B 502 1.44 -19.86 -14.56
N SER B 503 0.27 -19.51 -14.03
CA SER B 503 -1.00 -19.67 -14.78
C SER B 503 -1.07 -18.90 -16.11
N ALA B 504 -0.53 -17.68 -16.13
CA ALA B 504 -0.48 -16.89 -17.36
C ALA B 504 0.38 -17.60 -18.43
N VAL B 505 1.53 -18.14 -17.99
CA VAL B 505 2.45 -18.83 -18.91
C VAL B 505 1.77 -20.09 -19.50
N TRP B 506 1.12 -20.87 -18.66
CA TRP B 506 0.36 -22.04 -19.12
C TRP B 506 -0.75 -21.63 -20.15
N LEU B 507 -1.50 -20.56 -19.82
CA LEU B 507 -2.57 -20.06 -20.70
C LEU B 507 -2.04 -19.75 -22.10
N MET B 508 -0.98 -18.96 -22.13
CA MET B 508 -0.27 -18.59 -23.34
C MET B 508 0.17 -19.86 -24.11
N ASN B 509 0.81 -20.82 -23.43
CA ASN B 509 1.39 -21.95 -24.16
C ASN B 509 0.31 -22.92 -24.68
N SER B 510 -0.77 -22.99 -23.92
CA SER B 510 -1.82 -23.97 -24.16
C SER B 510 -2.93 -23.43 -25.03
N PHE B 511 -3.13 -22.13 -24.95
CA PHE B 511 -4.22 -21.45 -25.65
C PHE B 511 -3.89 -20.36 -26.65
N HIS B 512 -2.61 -20.16 -26.95
CA HIS B 512 -2.17 -19.11 -27.83
C HIS B 512 -2.72 -19.32 -29.19
N LYS B 513 -3.34 -18.28 -29.77
CA LYS B 513 -3.46 -18.23 -31.25
C LYS B 513 -4.79 -18.67 -31.71
S SO4 C . -0.32 2.23 5.92
O1 SO4 C . 0.22 3.46 6.53
O2 SO4 C . -1.68 2.14 6.50
O3 SO4 C . -0.32 2.29 4.44
O4 SO4 C . 0.42 1.05 6.29
S SO4 D . 4.87 2.28 -0.40
O1 SO4 D . 3.70 2.80 0.31
O2 SO4 D . 4.61 0.83 -0.04
O3 SO4 D . 4.92 2.67 -1.83
O4 SO4 D . 6.21 2.64 -0.05
S SO4 E . -4.62 11.03 14.91
O1 SO4 E . -4.36 10.17 16.07
O2 SO4 E . -5.93 11.60 15.12
O3 SO4 E . -3.55 11.96 14.76
O4 SO4 E . -4.54 10.00 13.87
S SO4 F . -1.47 -6.05 -0.49
O1 SO4 F . -2.78 -5.95 0.14
O2 SO4 F . -1.67 -6.84 -1.74
O3 SO4 F . -0.93 -4.68 -0.72
O4 SO4 F . -0.58 -6.86 0.41
S SO4 G . 0.62 -18.62 -4.29
O1 SO4 G . -0.23 -18.66 -3.11
O2 SO4 G . 0.19 -19.58 -5.32
O3 SO4 G . 0.45 -17.34 -4.88
O4 SO4 G . 1.95 -18.86 -3.76
#